data_7UUJ
#
_entry.id   7UUJ
#
_cell.length_a   60.763
_cell.length_b   107.128
_cell.length_c   137.079
_cell.angle_alpha   90.000
_cell.angle_beta   90.000
_cell.angle_gamma   90.000
#
_symmetry.space_group_name_H-M   'P 21 21 21'
#
loop_
_entity.id
_entity.type
_entity.pdbx_description
1 polymer 'Aminocyclitol acetyltransferase ApmA'
2 non-polymer '(2R,3R,4R,5R)-2-((1S,2S,3R,4S,6R)-4,6-DIAMINO-3-((2R,3R,6S)-3-AMINO-6-(AMINOMETHYL)-TETRAHYDRO-2H-PYRAN-2-YLOXY)-2-HYDR OXYCYCLOHEXYLOXY)-5-METHYL-4-(METHYLAMINO)-TETRAHYDRO-2H-PYRAN-3,5-DIOL'
3 non-polymer 1,2-ETHANEDIOL
4 non-polymer 'MAGNESIUM ION'
5 non-polymer 'CHLORIDE ION'
6 water water
#
_entity_poly.entity_id   1
_entity_poly.type   'polypeptide(L)'
_entity_poly.pdbx_seq_one_letter_code
;QGMKTRLEQVLERYLNGREVAVWGVPTRRLLRALKPFKFHTADRVDPQYHYVVAVTDDDLTDFLSDEQSKSFQYANDYLT
FDDEGGELPFERMCFNVPVGRQTYFGDGVVGACENGYIKSIGQFTSINGTAEIHANHQLNMTFVSDDIQNFFNEESMAVF
QEKLRKDPKHPYAYSKEPMTIGSDVYIGAHAFINASTVTSIGDGAIIGSGAVVLENVPPFAVVVGVPARIKRYRFSKEMI
ETLLRVKWWDWSIEEINENVDALISPELFMKKYGSL
;
_entity_poly.pdbx_strand_id   A,B,C
#
loop_
_chem_comp.id
_chem_comp.type
_chem_comp.name
_chem_comp.formula
CL non-polymer 'CHLORIDE ION' 'Cl -1'
EDO non-polymer 1,2-ETHANEDIOL 'C2 H6 O2'
LLL non-polymer '(2R,3R,4R,5R)-2-((1S,2S,3R,4S,6R)-4,6-DIAMINO-3-((2R,3R,6S)-3-AMINO-6-(AMINOMETHYL)-TETRAHYDRO-2H-PYRAN-2-YLOXY)-2-HYDR OXYCYCLOHEXYLOXY)-5-METHYL-4-(METHYLAMINO)-TETRAHYDRO-2H-PYRAN-3,5-DIOL' 'C19 H39 N5 O7'
MG non-polymer 'MAGNESIUM ION' 'Mg 2'
#
# COMPACT_ATOMS: atom_id res chain seq x y z
N MET A 3 -23.69 10.88 2.31
CA MET A 3 -23.84 9.60 2.97
C MET A 3 -23.25 9.64 4.36
N LYS A 4 -23.46 8.57 5.12
CA LYS A 4 -23.05 8.54 6.52
C LYS A 4 -21.78 7.71 6.67
N THR A 5 -20.78 8.29 7.31
CA THR A 5 -19.58 7.55 7.66
C THR A 5 -19.93 6.38 8.58
N ARG A 6 -19.03 5.38 8.59
CA ARG A 6 -19.12 4.32 9.59
C ARG A 6 -19.28 4.88 11.00
N LEU A 7 -18.46 5.89 11.37
CA LEU A 7 -18.56 6.43 12.72
C LEU A 7 -19.94 6.98 12.99
N GLU A 8 -20.51 7.74 12.03
CA GLU A 8 -21.82 8.33 12.29
C GLU A 8 -22.87 7.25 12.49
N GLN A 9 -22.79 6.18 11.71
CA GLN A 9 -23.71 5.06 11.90
C GLN A 9 -23.57 4.47 13.28
N VAL A 10 -22.33 4.32 13.76
CA VAL A 10 -22.09 3.74 15.07
C VAL A 10 -22.59 4.68 16.18
N LEU A 11 -22.32 5.98 16.04
CA LEU A 11 -22.78 6.94 17.04
C LEU A 11 -24.31 6.99 17.09
N GLU A 12 -24.95 6.97 15.92
CA GLU A 12 -26.42 6.95 15.92
C GLU A 12 -26.96 5.78 16.74
N ARG A 13 -26.24 4.66 16.74
CA ARG A 13 -26.66 3.46 17.43
C ARG A 13 -26.34 3.49 18.92
N TYR A 14 -25.15 3.97 19.29
CA TYR A 14 -24.61 3.69 20.61
C TYR A 14 -24.23 4.92 21.42
N LEU A 15 -24.17 6.12 20.83
CA LEU A 15 -23.68 7.27 21.61
C LEU A 15 -24.51 7.47 22.89
N ASN A 16 -25.85 7.28 22.79
CA ASN A 16 -26.75 7.27 23.96
C ASN A 16 -26.58 8.53 24.83
N GLY A 17 -26.48 9.68 24.18
CA GLY A 17 -26.47 10.94 24.89
C GLY A 17 -25.16 11.31 25.54
N ARG A 18 -24.10 10.55 25.32
CA ARG A 18 -22.79 10.94 25.85
C ARG A 18 -22.16 12.00 24.97
N GLU A 19 -20.99 12.47 25.40
CA GLU A 19 -20.18 13.41 24.63
C GLU A 19 -19.09 12.61 23.92
N VAL A 20 -18.81 12.95 22.67
CA VAL A 20 -17.71 12.29 21.97
C VAL A 20 -16.40 12.87 22.48
N ALA A 21 -15.49 12.01 22.90
CA ALA A 21 -14.17 12.47 23.35
C ALA A 21 -13.18 12.08 22.26
N VAL A 22 -12.65 13.08 21.57
CA VAL A 22 -11.79 12.85 20.41
C VAL A 22 -10.36 12.61 20.90
N TRP A 23 -9.85 11.43 20.59
CA TRP A 23 -8.51 11.02 21.01
C TRP A 23 -7.61 11.11 19.78
N GLY A 24 -6.89 12.24 19.62
CA GLY A 24 -6.05 12.46 18.46
C GLY A 24 -6.38 13.78 17.79
N VAL A 25 -5.61 14.07 16.73
CA VAL A 25 -5.77 15.33 16.00
C VAL A 25 -7.02 15.27 15.13
N PRO A 26 -7.95 16.20 15.27
CA PRO A 26 -9.19 16.15 14.47
C PRO A 26 -8.95 16.65 13.06
N THR A 27 -9.75 16.13 12.13
CA THR A 27 -9.68 16.42 10.70
C THR A 27 -10.99 17.03 10.25
N ARG A 28 -10.95 17.61 9.05
CA ARG A 28 -12.15 18.14 8.42
C ARG A 28 -13.22 17.08 8.28
N ARG A 29 -12.84 15.87 7.87
CA ARG A 29 -13.85 14.83 7.70
C ARG A 29 -14.47 14.46 9.04
N LEU A 30 -13.66 14.45 10.11
CA LEU A 30 -14.17 14.07 11.43
C LEU A 30 -15.13 15.11 11.98
N LEU A 31 -14.71 16.37 11.97
CA LEU A 31 -15.57 17.46 12.42
C LEU A 31 -16.88 17.50 11.64
N ARG A 32 -16.86 17.14 10.36
CA ARG A 32 -18.13 17.11 9.65
C ARG A 32 -18.99 15.93 10.12
N ALA A 33 -18.35 14.79 10.40
CA ALA A 33 -19.10 13.64 10.88
C ALA A 33 -19.68 13.88 12.27
N LEU A 34 -19.02 14.72 13.08
CA LEU A 34 -19.43 14.96 14.46
C LEU A 34 -20.41 16.10 14.60
N LYS A 35 -20.77 16.77 13.50
CA LYS A 35 -21.59 17.96 13.59
C LYS A 35 -22.89 17.78 14.37
N PRO A 36 -23.63 16.68 14.25
CA PRO A 36 -24.87 16.55 15.03
C PRO A 36 -24.66 16.15 16.48
N PHE A 37 -23.43 15.94 16.93
CA PHE A 37 -23.15 15.41 18.26
C PHE A 37 -22.35 16.40 19.08
N LYS A 38 -22.41 16.27 20.41
CA LYS A 38 -21.53 17.02 21.29
C LYS A 38 -20.15 16.34 21.33
N PHE A 39 -19.08 17.15 21.28
CA PHE A 39 -17.75 16.55 21.30
C PHE A 39 -16.72 17.49 21.90
N HIS A 40 -15.61 16.92 22.34
CA HIS A 40 -14.50 17.71 22.87
C HIS A 40 -13.23 16.88 22.77
N THR A 41 -12.07 17.55 22.77
CA THR A 41 -10.83 16.79 22.78
C THR A 41 -10.72 16.02 24.09
N ALA A 42 -10.24 14.78 24.01
CA ALA A 42 -10.24 13.90 25.17
C ALA A 42 -9.18 14.29 26.18
N ASP A 43 -9.57 14.34 27.46
CA ASP A 43 -8.56 14.46 28.51
C ASP A 43 -8.79 13.26 29.43
N ARG A 44 -9.58 13.44 30.47
CA ARG A 44 -10.04 12.32 31.27
C ARG A 44 -11.35 11.80 30.70
N VAL A 45 -11.48 10.47 30.58
CA VAL A 45 -12.65 9.89 29.96
C VAL A 45 -13.23 8.81 30.87
N ASP A 46 -14.53 8.56 30.72
CA ASP A 46 -15.26 7.58 31.53
C ASP A 46 -16.40 7.14 30.63
N PRO A 47 -16.62 5.83 30.42
CA PRO A 47 -17.67 5.40 29.48
C PRO A 47 -19.08 5.79 29.90
N GLN A 48 -19.30 6.20 31.15
CA GLN A 48 -20.63 6.68 31.51
C GLN A 48 -20.91 8.05 30.90
N TYR A 49 -19.85 8.84 30.65
CA TYR A 49 -20.00 10.19 30.13
C TYR A 49 -19.52 10.38 28.71
N HIS A 50 -18.64 9.50 28.20
CA HIS A 50 -17.89 9.74 27.00
C HIS A 50 -17.94 8.51 26.10
N TYR A 51 -17.90 8.80 24.80
CA TYR A 51 -17.67 7.85 23.74
C TYR A 51 -16.36 8.26 23.10
N VAL A 52 -15.36 7.37 23.14
CA VAL A 52 -14.04 7.75 22.66
C VAL A 52 -13.92 7.49 21.16
N VAL A 53 -13.46 8.50 20.42
CA VAL A 53 -13.20 8.35 18.99
C VAL A 53 -11.70 8.56 18.78
N ALA A 54 -10.98 7.47 18.54
CA ALA A 54 -9.60 7.59 18.13
C ALA A 54 -9.61 7.98 16.67
N VAL A 55 -8.84 9.01 16.31
CA VAL A 55 -8.92 9.47 14.92
C VAL A 55 -8.22 8.50 13.99
N THR A 56 -6.98 8.15 14.28
CA THR A 56 -6.22 7.21 13.46
C THR A 56 -6.02 5.89 14.19
N ASP A 57 -5.55 4.90 13.43
CA ASP A 57 -5.20 3.62 14.03
C ASP A 57 -4.13 3.79 15.09
N ASP A 58 -3.16 4.67 14.85
CA ASP A 58 -2.16 4.95 15.88
C ASP A 58 -2.77 5.57 17.12
N ASP A 59 -3.75 6.46 16.94
CA ASP A 59 -4.46 7.01 18.10
C ASP A 59 -5.13 5.91 18.91
N LEU A 60 -5.72 4.92 18.23
CA LEU A 60 -6.37 3.83 18.92
C LEU A 60 -5.37 3.01 19.72
N THR A 61 -4.24 2.67 19.10
CA THR A 61 -3.17 2.00 19.82
C THR A 61 -2.84 2.75 21.10
N ASP A 62 -2.75 4.09 21.02
CA ASP A 62 -2.40 4.85 22.21
C ASP A 62 -3.53 4.83 23.24
N PHE A 63 -4.78 4.88 22.76
CA PHE A 63 -5.91 4.79 23.67
C PHE A 63 -5.95 3.43 24.37
N LEU A 64 -5.82 2.35 23.60
CA LEU A 64 -5.97 1.01 24.15
C LEU A 64 -4.83 0.61 25.07
N SER A 65 -3.70 1.29 24.97
CA SER A 65 -2.57 1.15 25.89
C SER A 65 -2.76 1.98 27.15
N ASP A 66 -3.72 2.89 27.17
CA ASP A 66 -3.91 3.79 28.28
C ASP A 66 -4.80 3.14 29.33
N GLU A 67 -4.48 3.42 30.60
CA GLU A 67 -5.26 2.87 31.70
C GLU A 67 -6.72 3.28 31.63
N GLN A 68 -7.02 4.45 31.07
CA GLN A 68 -8.40 4.87 30.96
C GLN A 68 -9.28 4.01 30.04
N SER A 69 -8.70 3.23 29.12
CA SER A 69 -9.53 2.45 28.20
C SER A 69 -10.13 1.18 28.80
N LYS A 70 -9.76 0.80 30.03
CA LYS A 70 -10.12 -0.55 30.50
C LYS A 70 -11.63 -0.80 30.48
N SER A 71 -12.43 0.20 30.78
CA SER A 71 -13.87 -0.08 30.86
C SER A 71 -14.61 0.17 29.55
N PHE A 72 -13.91 0.50 28.47
CA PHE A 72 -14.53 0.85 27.20
C PHE A 72 -14.67 -0.37 26.32
N GLN A 73 -15.87 -0.62 25.81
CA GLN A 73 -16.14 -1.77 24.95
C GLN A 73 -16.12 -1.33 23.49
N TYR A 74 -15.45 -2.12 22.64
CA TYR A 74 -15.41 -1.85 21.19
C TYR A 74 -16.79 -1.59 20.61
N ALA A 75 -16.89 -0.51 19.84
CA ALA A 75 -18.09 -0.08 19.12
C ALA A 75 -19.13 0.50 20.07
N ASN A 76 -19.47 -0.22 21.15
CA ASN A 76 -20.40 0.33 22.15
C ASN A 76 -19.90 1.64 22.74
N ASP A 77 -18.58 1.73 23.01
CA ASP A 77 -18.00 2.89 23.70
C ASP A 77 -16.82 3.54 22.99
N TYR A 78 -16.23 2.91 21.98
CA TYR A 78 -15.13 3.56 21.27
C TYR A 78 -15.06 3.03 19.86
N LEU A 79 -14.46 3.84 18.99
CA LEU A 79 -14.32 3.51 17.58
C LEU A 79 -13.12 4.27 17.03
N THR A 80 -12.59 3.77 15.91
CA THR A 80 -11.59 4.53 15.15
C THR A 80 -12.28 5.23 14.01
N PHE A 81 -12.03 6.52 13.86
CA PHE A 81 -12.66 7.23 12.75
C PHE A 81 -12.12 6.79 11.40
N ASP A 82 -10.80 6.69 11.27
CA ASP A 82 -10.21 6.32 9.99
CA ASP A 82 -10.22 6.33 9.97
C ASP A 82 -10.15 4.80 9.83
N ASP A 83 -11.33 4.17 9.78
CA ASP A 83 -11.38 2.72 9.70
C ASP A 83 -12.67 2.33 8.99
N GLU A 84 -12.92 2.95 7.85
CA GLU A 84 -14.17 2.74 7.16
C GLU A 84 -14.39 1.25 6.81
N GLY A 85 -13.32 0.49 6.68
CA GLY A 85 -13.53 -0.91 6.38
C GLY A 85 -13.54 -1.83 7.59
N GLY A 86 -13.57 -1.27 8.80
CA GLY A 86 -13.44 -2.07 10.00
C GLY A 86 -14.72 -2.83 10.29
N GLU A 87 -14.56 -4.00 10.89
CA GLU A 87 -15.71 -4.84 11.26
C GLU A 87 -16.58 -4.16 12.31
N LEU A 88 -17.87 -4.49 12.28
CA LEU A 88 -18.83 -4.05 13.29
C LEU A 88 -19.73 -5.21 13.64
N PRO A 89 -20.35 -5.20 14.83
CA PRO A 89 -21.30 -6.24 15.19
C PRO A 89 -22.68 -6.08 14.55
N PHE A 90 -22.93 -5.02 13.81
CA PHE A 90 -24.20 -4.83 13.11
C PHE A 90 -23.94 -4.58 11.65
N GLU A 91 -24.96 -4.83 10.81
CA GLU A 91 -24.85 -4.59 9.37
C GLU A 91 -24.85 -3.09 9.08
N ARG A 92 -23.88 -2.64 8.28
CA ARG A 92 -23.61 -1.22 8.09
C ARG A 92 -23.64 -0.89 6.59
N MET A 93 -23.38 0.39 6.28
CA MET A 93 -23.24 0.86 4.91
C MET A 93 -21.83 1.39 4.74
N CYS A 94 -21.20 1.08 3.62
CA CYS A 94 -19.92 1.71 3.26
C CYS A 94 -20.22 2.42 1.95
N PHE A 95 -20.32 3.75 1.99
CA PHE A 95 -20.74 4.54 0.83
C PHE A 95 -22.03 3.98 0.23
N ASN A 96 -23.02 3.69 1.08
CA ASN A 96 -24.27 3.03 0.64
CA ASN A 96 -24.26 3.03 0.65
C ASN A 96 -24.02 1.72 -0.12
N VAL A 97 -22.92 1.03 0.15
CA VAL A 97 -22.80 -0.40 -0.13
C VAL A 97 -23.16 -1.15 1.16
N PRO A 98 -24.16 -2.04 1.17
CA PRO A 98 -24.42 -2.82 2.40
C PRO A 98 -23.27 -3.76 2.71
N VAL A 99 -22.90 -3.82 3.99
CA VAL A 99 -21.80 -4.65 4.48
C VAL A 99 -22.29 -5.42 5.70
N GLY A 100 -22.03 -6.74 5.73
CA GLY A 100 -22.58 -7.58 6.78
C GLY A 100 -21.80 -7.48 8.08
N ARG A 101 -22.27 -8.22 9.09
CA ARG A 101 -21.65 -8.22 10.40
C ARG A 101 -20.30 -8.89 10.35
N GLN A 102 -19.36 -8.37 11.15
CA GLN A 102 -18.04 -8.95 11.36
C GLN A 102 -17.33 -9.17 10.03
N THR A 103 -17.48 -8.16 9.14
CA THR A 103 -16.90 -8.16 7.81
C THR A 103 -15.91 -7.00 7.74
N TYR A 104 -14.70 -7.27 7.29
CA TYR A 104 -13.68 -6.20 7.24
C TYR A 104 -12.93 -6.19 5.91
N PHE A 105 -12.45 -4.99 5.53
CA PHE A 105 -11.66 -4.87 4.32
C PHE A 105 -10.81 -3.62 4.45
N GLY A 106 -9.89 -3.46 3.48
CA GLY A 106 -8.93 -2.38 3.49
C GLY A 106 -9.33 -1.22 2.58
N ASP A 107 -8.40 -0.25 2.46
CA ASP A 107 -8.71 1.02 1.80
C ASP A 107 -9.00 0.85 0.32
N GLY A 108 -8.39 -0.15 -0.33
CA GLY A 108 -8.70 -0.42 -1.71
C GLY A 108 -10.14 -0.83 -1.92
N VAL A 109 -10.68 -1.69 -1.03
CA VAL A 109 -12.07 -2.08 -1.18
C VAL A 109 -13.00 -0.98 -0.75
N VAL A 110 -12.61 -0.17 0.25
CA VAL A 110 -13.39 1.02 0.55
C VAL A 110 -13.50 1.88 -0.72
N GLY A 111 -12.36 2.10 -1.38
CA GLY A 111 -12.37 2.85 -2.64
C GLY A 111 -13.28 2.24 -3.70
N ALA A 112 -13.24 0.91 -3.82
CA ALA A 112 -14.12 0.23 -4.77
C ALA A 112 -15.59 0.44 -4.42
N CYS A 113 -15.92 0.47 -3.11
CA CYS A 113 -17.28 0.81 -2.73
C CYS A 113 -17.60 2.23 -3.16
N GLU A 114 -16.70 3.15 -2.87
CA GLU A 114 -16.93 4.55 -3.25
C GLU A 114 -17.05 4.71 -4.77
N ASN A 115 -16.31 3.92 -5.55
CA ASN A 115 -16.33 4.03 -7.00
C ASN A 115 -17.55 3.38 -7.66
N GLY A 116 -18.40 2.67 -6.90
CA GLY A 116 -19.57 2.03 -7.49
C GLY A 116 -19.36 0.61 -7.99
N TYR A 117 -18.22 -0.01 -7.72
CA TYR A 117 -17.87 -1.31 -8.24
C TYR A 117 -18.50 -2.48 -7.50
N ILE A 118 -19.04 -2.25 -6.30
CA ILE A 118 -19.51 -3.32 -5.42
C ILE A 118 -20.98 -3.11 -5.07
N LYS A 119 -21.79 -4.16 -5.23
CA LYS A 119 -23.20 -4.06 -4.88
C LYS A 119 -23.42 -4.29 -3.38
N SER A 120 -22.74 -5.27 -2.80
CA SER A 120 -22.90 -5.60 -1.39
C SER A 120 -21.77 -6.53 -1.01
N ILE A 121 -21.46 -6.54 0.28
CA ILE A 121 -20.50 -7.45 0.87
C ILE A 121 -21.21 -8.19 2.00
N GLY A 122 -21.05 -9.51 2.02
CA GLY A 122 -21.80 -10.35 2.93
C GLY A 122 -21.31 -10.30 4.38
N GLN A 123 -21.85 -11.25 5.17
CA GLN A 123 -21.57 -11.38 6.59
C GLN A 123 -20.36 -12.28 6.82
N PHE A 124 -19.57 -11.95 7.85
CA PHE A 124 -18.42 -12.77 8.28
C PHE A 124 -17.43 -12.98 7.14
N THR A 125 -17.14 -11.89 6.43
CA THR A 125 -16.26 -11.95 5.29
C THR A 125 -14.98 -11.21 5.61
N SER A 126 -13.84 -11.81 5.24
CA SER A 126 -12.51 -11.39 5.69
C SER A 126 -11.69 -11.04 4.47
N ILE A 127 -11.42 -9.76 4.26
CA ILE A 127 -10.69 -9.32 3.08
C ILE A 127 -9.43 -8.63 3.54
N ASN A 128 -8.28 -9.19 3.15
CA ASN A 128 -6.99 -8.61 3.56
C ASN A 128 -6.86 -7.17 3.07
N GLY A 129 -6.18 -6.35 3.88
CA GLY A 129 -6.13 -4.90 3.66
C GLY A 129 -5.47 -4.49 2.37
N THR A 130 -4.66 -5.35 1.77
CA THR A 130 -3.99 -4.99 0.53
C THR A 130 -4.71 -5.50 -0.72
N ALA A 131 -5.86 -6.18 -0.59
CA ALA A 131 -6.63 -6.59 -1.76
C ALA A 131 -7.08 -5.37 -2.57
N GLU A 132 -7.20 -5.55 -3.88
CA GLU A 132 -7.56 -4.44 -4.78
C GLU A 132 -8.68 -4.84 -5.73
N ILE A 133 -9.58 -3.90 -6.00
CA ILE A 133 -10.66 -4.10 -6.95
C ILE A 133 -10.66 -2.88 -7.86
N HIS A 134 -10.38 -3.09 -9.14
CA HIS A 134 -10.27 -2.04 -10.15
CA HIS A 134 -10.44 -2.00 -10.10
C HIS A 134 -10.92 -2.53 -11.44
N ALA A 135 -11.36 -1.60 -12.28
CA ALA A 135 -11.91 -1.93 -13.59
C ALA A 135 -10.87 -1.70 -14.68
N ASN A 136 -11.20 -2.11 -15.90
CA ASN A 136 -10.32 -1.85 -17.05
C ASN A 136 -10.69 -0.51 -17.72
N HIS A 137 -9.68 0.12 -18.31
CA HIS A 137 -9.96 1.21 -19.25
C HIS A 137 -10.53 0.63 -20.55
N GLN A 138 -10.98 1.50 -21.46
CA GLN A 138 -11.36 1.00 -22.79
C GLN A 138 -10.16 0.44 -23.52
N LEU A 139 -10.38 -0.68 -24.22
CA LEU A 139 -9.33 -1.37 -24.93
C LEU A 139 -9.58 -1.38 -26.42
N ASN A 140 -10.63 -0.72 -26.92
CA ASN A 140 -11.00 -0.78 -28.34
C ASN A 140 -10.93 0.61 -29.00
N MET A 141 -10.23 1.55 -28.39
CA MET A 141 -10.08 2.85 -28.98
C MET A 141 -8.62 3.05 -29.37
N THR A 142 -8.34 4.19 -30.01
CA THR A 142 -6.96 4.51 -30.37
C THR A 142 -6.15 4.84 -29.12
N PHE A 143 -6.81 5.35 -28.07
CA PHE A 143 -6.19 5.70 -26.81
C PHE A 143 -6.71 4.81 -25.70
N VAL A 144 -5.90 4.64 -24.67
CA VAL A 144 -6.30 3.91 -23.47
C VAL A 144 -6.43 4.83 -22.25
N SER A 145 -5.96 6.09 -22.35
CA SER A 145 -6.13 7.08 -21.30
C SER A 145 -7.60 7.29 -20.94
N ASP A 146 -7.84 7.55 -19.64
CA ASP A 146 -9.14 8.09 -19.26
C ASP A 146 -9.11 9.60 -19.12
N ASP A 147 -8.04 10.19 -18.57
CA ASP A 147 -8.11 11.62 -18.28
C ASP A 147 -7.88 12.50 -19.51
N ILE A 148 -7.67 11.90 -20.69
CA ILE A 148 -7.81 12.68 -21.91
C ILE A 148 -9.20 13.32 -21.95
N GLN A 149 -10.19 12.68 -21.32
CA GLN A 149 -11.56 13.21 -21.38
C GLN A 149 -11.67 14.58 -20.73
N ASN A 150 -10.74 14.93 -19.84
CA ASN A 150 -10.74 16.30 -19.30
C ASN A 150 -10.58 17.36 -20.37
N PHE A 151 -10.08 16.99 -21.57
CA PHE A 151 -9.94 17.93 -22.68
C PHE A 151 -11.08 17.85 -23.69
N PHE A 152 -12.01 16.91 -23.52
CA PHE A 152 -13.16 16.79 -24.44
C PHE A 152 -14.17 17.89 -24.14
N ASN A 153 -14.61 18.58 -25.19
CA ASN A 153 -15.76 19.47 -25.07
C ASN A 153 -17.01 18.61 -24.91
N GLU A 154 -18.17 19.25 -24.90
CA GLU A 154 -19.39 18.54 -24.52
C GLU A 154 -19.75 17.49 -25.56
N GLU A 155 -19.56 17.84 -26.84
CA GLU A 155 -19.90 16.90 -27.91
C GLU A 155 -18.93 15.73 -27.96
N SER A 156 -17.62 15.98 -27.81
CA SER A 156 -16.66 14.89 -27.81
C SER A 156 -16.91 13.96 -26.63
N MET A 157 -17.21 14.54 -25.46
CA MET A 157 -17.49 13.74 -24.29
C MET A 157 -18.68 12.83 -24.52
N ALA A 158 -19.75 13.36 -25.13
CA ALA A 158 -20.93 12.54 -25.32
C ALA A 158 -20.63 11.38 -26.26
N VAL A 159 -19.82 11.61 -27.29
CA VAL A 159 -19.45 10.53 -28.21
C VAL A 159 -18.63 9.46 -27.49
N PHE A 160 -17.68 9.88 -26.66
CA PHE A 160 -16.86 8.98 -25.88
C PHE A 160 -17.72 8.17 -24.93
N GLN A 161 -18.59 8.86 -24.20
CA GLN A 161 -19.42 8.17 -23.22
C GLN A 161 -20.36 7.17 -23.92
N GLU A 162 -20.93 7.52 -25.08
CA GLU A 162 -21.82 6.57 -25.75
C GLU A 162 -21.06 5.30 -26.17
N LYS A 163 -19.84 5.42 -26.70
CA LYS A 163 -19.12 4.21 -27.10
C LYS A 163 -18.74 3.35 -25.89
N LEU A 164 -18.35 3.98 -24.78
CA LEU A 164 -18.06 3.22 -23.56
C LEU A 164 -19.28 2.42 -23.12
N ARG A 165 -20.45 3.04 -23.18
CA ARG A 165 -21.69 2.36 -22.78
C ARG A 165 -22.01 1.15 -23.65
N LYS A 166 -21.60 1.15 -24.92
CA LYS A 166 -21.95 0.03 -25.80
C LYS A 166 -20.90 -1.06 -25.81
N ASP A 167 -19.80 -0.88 -25.10
CA ASP A 167 -18.66 -1.79 -25.12
C ASP A 167 -18.98 -3.05 -24.35
N PRO A 168 -19.00 -4.23 -24.99
CA PRO A 168 -19.37 -5.45 -24.24
C PRO A 168 -18.36 -5.83 -23.16
N LYS A 169 -17.16 -5.24 -23.18
CA LYS A 169 -16.14 -5.58 -22.20
C LYS A 169 -16.23 -4.71 -20.94
N HIS A 170 -17.23 -3.84 -20.85
CA HIS A 170 -17.54 -3.08 -19.64
C HIS A 170 -16.34 -2.26 -19.16
N PRO A 171 -15.76 -1.39 -19.97
CA PRO A 171 -14.73 -0.49 -19.46
C PRO A 171 -15.29 0.37 -18.32
N TYR A 172 -14.48 0.57 -17.27
CA TYR A 172 -14.87 1.37 -16.11
C TYR A 172 -16.11 0.80 -15.40
N ALA A 173 -16.35 -0.50 -15.60
CA ALA A 173 -17.52 -1.24 -15.09
C ALA A 173 -18.83 -0.67 -15.64
N TYR A 174 -18.78 -0.05 -16.81
CA TYR A 174 -20.00 0.39 -17.48
C TYR A 174 -20.84 -0.81 -17.92
N SER A 175 -22.16 -0.58 -17.94
CA SER A 175 -23.14 -1.51 -18.53
C SER A 175 -23.07 -2.91 -17.92
N LYS A 176 -22.73 -3.01 -16.64
CA LYS A 176 -22.75 -4.28 -15.94
C LYS A 176 -23.21 -4.07 -14.51
N GLU A 177 -23.62 -5.17 -13.84
CA GLU A 177 -23.99 -5.08 -12.44
C GLU A 177 -22.76 -4.88 -11.57
N PRO A 178 -22.84 -4.05 -10.52
CA PRO A 178 -21.73 -4.03 -9.54
C PRO A 178 -21.64 -5.39 -8.86
N MET A 179 -20.45 -5.74 -8.37
CA MET A 179 -20.30 -7.13 -7.97
C MET A 179 -20.84 -7.37 -6.55
N THR A 180 -21.38 -8.56 -6.37
CA THR A 180 -21.78 -9.03 -5.05
CA THR A 180 -21.77 -9.03 -5.05
C THR A 180 -20.63 -9.86 -4.49
N ILE A 181 -20.21 -9.55 -3.27
CA ILE A 181 -19.22 -10.37 -2.58
C ILE A 181 -19.99 -11.08 -1.47
N GLY A 182 -19.92 -12.41 -1.44
CA GLY A 182 -20.77 -13.20 -0.56
C GLY A 182 -20.33 -13.14 0.91
N SER A 183 -20.94 -14.05 1.68
CA SER A 183 -20.68 -14.23 3.11
C SER A 183 -19.68 -15.38 3.29
N ASP A 184 -18.99 -15.34 4.44
CA ASP A 184 -17.96 -16.35 4.78
C ASP A 184 -16.93 -16.44 3.67
N VAL A 185 -16.59 -15.28 3.10
CA VAL A 185 -15.60 -15.20 2.03
C VAL A 185 -14.25 -14.84 2.65
N TYR A 186 -13.16 -15.40 2.09
CA TYR A 186 -11.81 -15.00 2.50
C TYR A 186 -11.07 -14.52 1.25
N ILE A 187 -10.41 -13.37 1.36
CA ILE A 187 -9.61 -12.82 0.25
C ILE A 187 -8.25 -12.44 0.81
N GLY A 188 -7.18 -12.99 0.21
CA GLY A 188 -5.85 -12.84 0.73
C GLY A 188 -5.13 -11.60 0.23
N ALA A 189 -3.90 -11.43 0.72
CA ALA A 189 -3.09 -10.25 0.46
C ALA A 189 -2.73 -10.12 -1.02
N HIS A 190 -2.72 -8.87 -1.49
CA HIS A 190 -2.39 -8.52 -2.88
C HIS A 190 -3.28 -9.20 -3.89
N ALA A 191 -4.42 -9.74 -3.46
CA ALA A 191 -5.38 -10.24 -4.42
C ALA A 191 -6.00 -9.10 -5.20
N PHE A 192 -6.37 -9.40 -6.45
CA PHE A 192 -6.98 -8.44 -7.35
C PHE A 192 -8.22 -9.03 -7.97
N ILE A 193 -9.31 -8.28 -7.99
CA ILE A 193 -10.57 -8.66 -8.63
C ILE A 193 -10.87 -7.61 -9.69
N ASN A 194 -11.13 -8.05 -10.94
CA ASN A 194 -11.40 -7.13 -12.02
C ASN A 194 -12.90 -6.76 -12.06
N ALA A 195 -13.20 -5.49 -11.84
CA ALA A 195 -14.59 -5.06 -11.78
C ALA A 195 -15.23 -4.94 -13.16
N SER A 196 -14.44 -4.96 -14.25
CA SER A 196 -15.04 -4.96 -15.57
C SER A 196 -15.69 -6.31 -15.89
N THR A 197 -15.17 -7.39 -15.33
CA THR A 197 -15.52 -8.73 -15.80
C THR A 197 -16.06 -9.66 -14.69
N VAL A 198 -16.10 -9.21 -13.44
CA VAL A 198 -16.58 -10.02 -12.32
C VAL A 198 -17.86 -9.38 -11.76
N THR A 199 -18.90 -10.19 -11.59
CA THR A 199 -20.12 -9.73 -10.96
C THR A 199 -20.43 -10.46 -9.67
N SER A 200 -19.73 -11.55 -9.36
CA SER A 200 -20.11 -12.38 -8.23
C SER A 200 -18.88 -13.07 -7.66
N ILE A 201 -18.62 -12.85 -6.38
CA ILE A 201 -17.75 -13.70 -5.59
C ILE A 201 -18.67 -14.48 -4.66
N GLY A 202 -18.86 -15.80 -4.94
CA GLY A 202 -19.91 -16.56 -4.28
C GLY A 202 -19.68 -16.72 -2.79
N ASP A 203 -20.77 -16.98 -2.06
CA ASP A 203 -20.64 -17.27 -0.63
C ASP A 203 -19.58 -18.33 -0.41
N GLY A 204 -18.75 -18.13 0.61
CA GLY A 204 -17.80 -19.16 0.99
C GLY A 204 -16.54 -19.23 0.14
N ALA A 205 -16.43 -18.42 -0.92
CA ALA A 205 -15.25 -18.48 -1.77
C ALA A 205 -13.99 -18.06 -1.00
N ILE A 206 -12.88 -18.66 -1.39
CA ILE A 206 -11.56 -18.33 -0.87
C ILE A 206 -10.71 -17.88 -2.04
N ILE A 207 -10.12 -16.69 -1.93
CA ILE A 207 -9.29 -16.12 -2.99
C ILE A 207 -7.88 -16.02 -2.44
N GLY A 208 -6.95 -16.75 -3.05
CA GLY A 208 -5.62 -16.88 -2.51
C GLY A 208 -4.82 -15.60 -2.60
N SER A 209 -3.77 -15.54 -1.78
CA SER A 209 -2.86 -14.42 -1.82
C SER A 209 -2.28 -14.28 -3.22
N GLY A 210 -2.31 -13.07 -3.77
CA GLY A 210 -1.74 -12.86 -5.08
C GLY A 210 -2.59 -13.27 -6.26
N ALA A 211 -3.79 -13.85 -6.04
CA ALA A 211 -4.64 -14.25 -7.16
C ALA A 211 -5.17 -13.04 -7.93
N VAL A 212 -5.32 -13.21 -9.24
CA VAL A 212 -5.85 -12.19 -10.14
C VAL A 212 -7.16 -12.72 -10.68
N VAL A 213 -8.29 -12.27 -10.13
CA VAL A 213 -9.59 -12.89 -10.39
C VAL A 213 -10.28 -12.14 -11.53
N LEU A 214 -10.41 -12.83 -12.68
CA LEU A 214 -10.97 -12.19 -13.87
C LEU A 214 -12.38 -12.67 -14.21
N GLU A 215 -12.90 -13.69 -13.54
CA GLU A 215 -14.25 -14.16 -13.77
C GLU A 215 -14.90 -14.51 -12.44
N ASN A 216 -16.20 -14.75 -12.48
CA ASN A 216 -16.94 -15.01 -11.25
C ASN A 216 -16.38 -16.23 -10.53
N VAL A 217 -16.38 -16.19 -9.20
CA VAL A 217 -15.92 -17.29 -8.37
C VAL A 217 -17.16 -18.01 -7.82
N PRO A 218 -17.36 -19.27 -8.13
CA PRO A 218 -18.55 -19.99 -7.63
C PRO A 218 -18.54 -20.10 -6.13
N PRO A 219 -19.70 -20.33 -5.52
CA PRO A 219 -19.75 -20.54 -4.06
C PRO A 219 -18.82 -21.66 -3.61
N PHE A 220 -18.01 -21.36 -2.58
CA PHE A 220 -17.14 -22.30 -1.87
C PHE A 220 -15.98 -22.79 -2.72
N ALA A 221 -15.75 -22.16 -3.88
CA ALA A 221 -14.54 -22.44 -4.66
C ALA A 221 -13.32 -21.76 -4.01
N VAL A 222 -12.20 -22.45 -4.06
CA VAL A 222 -10.88 -21.95 -3.69
C VAL A 222 -10.15 -21.67 -4.98
N VAL A 223 -9.78 -20.40 -5.24
CA VAL A 223 -9.13 -20.04 -6.50
C VAL A 223 -7.76 -19.43 -6.18
N VAL A 224 -6.75 -19.78 -7.00
CA VAL A 224 -5.41 -19.24 -6.85
C VAL A 224 -4.81 -18.98 -8.23
N GLY A 225 -3.78 -18.14 -8.26
CA GLY A 225 -2.92 -18.00 -9.41
C GLY A 225 -3.16 -16.73 -10.18
N VAL A 226 -2.29 -16.52 -11.16
CA VAL A 226 -2.38 -15.41 -12.11
C VAL A 226 -2.46 -15.99 -13.51
N PRO A 227 -3.66 -16.07 -14.09
CA PRO A 227 -4.96 -15.69 -13.52
C PRO A 227 -5.50 -16.74 -12.56
N ALA A 228 -6.55 -16.42 -11.81
CA ALA A 228 -7.06 -17.32 -10.79
C ALA A 228 -7.83 -18.51 -11.40
N ARG A 229 -7.53 -19.71 -10.90
CA ARG A 229 -8.19 -20.93 -11.33
C ARG A 229 -8.69 -21.67 -10.10
N ILE A 230 -9.78 -22.43 -10.27
CA ILE A 230 -10.34 -23.22 -9.16
C ILE A 230 -9.42 -24.39 -8.87
N LYS A 231 -8.88 -24.44 -7.65
CA LYS A 231 -8.07 -25.58 -7.22
C LYS A 231 -8.92 -26.67 -6.60
N ARG A 232 -9.98 -26.29 -5.90
CA ARG A 232 -10.85 -27.24 -5.20
C ARG A 232 -12.10 -26.50 -4.75
N TYR A 233 -13.09 -27.25 -4.29
CA TYR A 233 -14.18 -26.65 -3.55
C TYR A 233 -14.02 -27.02 -2.08
N ARG A 234 -14.53 -26.14 -1.20
CA ARG A 234 -14.39 -26.38 0.23
C ARG A 234 -15.24 -27.56 0.67
N PHE A 235 -16.35 -27.81 -0.01
CA PHE A 235 -17.29 -28.83 0.40
C PHE A 235 -17.87 -29.51 -0.84
N SER A 236 -18.50 -30.66 -0.60
CA SER A 236 -19.21 -31.41 -1.64
C SER A 236 -20.36 -30.59 -2.20
N LYS A 237 -20.82 -30.99 -3.39
CA LYS A 237 -21.96 -30.32 -4.00
C LYS A 237 -23.16 -30.36 -3.07
N GLU A 238 -23.37 -31.48 -2.38
CA GLU A 238 -24.54 -31.63 -1.51
C GLU A 238 -24.44 -30.71 -0.30
N MET A 239 -23.25 -30.58 0.27
CA MET A 239 -23.19 -29.67 1.40
C MET A 239 -23.24 -28.20 0.99
N ILE A 240 -22.75 -27.85 -0.21
CA ILE A 240 -22.88 -26.48 -0.69
C ILE A 240 -24.36 -26.10 -0.81
N GLU A 241 -25.17 -27.01 -1.37
CA GLU A 241 -26.61 -26.76 -1.49
C GLU A 241 -27.24 -26.56 -0.11
N THR A 242 -26.88 -27.40 0.86
CA THR A 242 -27.38 -27.22 2.22
C THR A 242 -26.95 -25.86 2.78
N LEU A 243 -25.68 -25.50 2.63
CA LEU A 243 -25.21 -24.22 3.17
C LEU A 243 -25.95 -23.05 2.53
N LEU A 244 -26.19 -23.13 1.21
CA LEU A 244 -26.82 -21.99 0.56
C LEU A 244 -28.29 -21.89 0.94
N ARG A 245 -28.90 -22.98 1.42
CA ARG A 245 -30.26 -22.90 1.96
C ARG A 245 -30.26 -22.35 3.39
N VAL A 246 -29.41 -22.92 4.25
CA VAL A 246 -29.46 -22.68 5.69
C VAL A 246 -29.06 -21.24 6.01
N LYS A 247 -28.03 -20.72 5.32
CA LYS A 247 -27.51 -19.36 5.51
C LYS A 247 -27.21 -19.09 6.98
N TRP A 248 -26.29 -19.89 7.52
CA TRP A 248 -25.87 -19.69 8.92
C TRP A 248 -25.32 -18.29 9.14
N TRP A 249 -24.76 -17.67 8.07
CA TRP A 249 -24.25 -16.31 8.17
C TRP A 249 -25.35 -15.28 8.43
N ASP A 250 -26.63 -15.66 8.31
CA ASP A 250 -27.72 -14.78 8.70
C ASP A 250 -28.30 -15.10 10.10
N TRP A 251 -27.70 -16.04 10.82
CA TRP A 251 -28.19 -16.44 12.15
C TRP A 251 -27.99 -15.32 13.18
N SER A 252 -28.83 -15.35 14.22
CA SER A 252 -28.65 -14.44 15.34
C SER A 252 -27.44 -14.89 16.16
N ILE A 253 -26.98 -14.00 17.05
CA ILE A 253 -25.90 -14.39 17.97
C ILE A 253 -26.30 -15.59 18.79
N GLU A 254 -27.54 -15.60 19.28
CA GLU A 254 -28.03 -16.75 20.06
C GLU A 254 -27.93 -18.02 19.23
N GLU A 255 -28.36 -17.97 17.97
CA GLU A 255 -28.30 -19.15 17.13
C GLU A 255 -26.87 -19.60 16.85
N ILE A 256 -25.94 -18.64 16.63
CA ILE A 256 -24.54 -19.00 16.40
C ILE A 256 -23.99 -19.76 17.60
N ASN A 257 -24.31 -19.33 18.82
CA ASN A 257 -23.79 -20.07 19.98
C ASN A 257 -24.53 -21.39 20.19
N GLU A 258 -25.85 -21.39 19.97
CA GLU A 258 -26.62 -22.63 20.08
C GLU A 258 -26.07 -23.72 19.18
N ASN A 259 -25.62 -23.35 17.99
CA ASN A 259 -25.20 -24.31 16.96
C ASN A 259 -23.70 -24.26 16.68
N VAL A 260 -22.91 -23.83 17.67
CA VAL A 260 -21.45 -23.74 17.50
C VAL A 260 -20.84 -25.08 17.10
N ASP A 261 -21.40 -26.20 17.58
CA ASP A 261 -20.83 -27.50 17.21
C ASP A 261 -20.97 -27.75 15.70
N ALA A 262 -22.11 -27.39 15.11
CA ALA A 262 -22.28 -27.52 13.66
C ALA A 262 -21.39 -26.56 12.90
N LEU A 263 -21.09 -25.40 13.46
CA LEU A 263 -20.20 -24.47 12.81
C LEU A 263 -18.75 -24.94 12.87
N ILE A 264 -18.35 -25.56 13.99
CA ILE A 264 -17.02 -26.14 14.13
C ILE A 264 -16.84 -27.36 13.23
N SER A 265 -17.85 -28.21 13.13
CA SER A 265 -17.70 -29.50 12.48
C SER A 265 -18.60 -29.58 11.25
N PRO A 266 -18.04 -29.54 10.05
CA PRO A 266 -18.88 -29.68 8.85
C PRO A 266 -19.65 -31.00 8.81
N GLU A 267 -19.07 -32.08 9.35
CA GLU A 267 -19.79 -33.36 9.44
C GLU A 267 -21.06 -33.22 10.25
N LEU A 268 -20.98 -32.51 11.37
CA LEU A 268 -22.16 -32.25 12.20
C LEU A 268 -23.15 -31.29 11.53
N PHE A 269 -22.66 -30.29 10.81
CA PHE A 269 -23.56 -29.43 10.06
C PHE A 269 -24.37 -30.22 9.05
N MET A 270 -23.72 -31.08 8.27
CA MET A 270 -24.46 -31.91 7.30
C MET A 270 -25.44 -32.85 8.00
N LYS A 271 -25.01 -33.46 9.11
CA LYS A 271 -25.92 -34.31 9.86
C LYS A 271 -27.16 -33.53 10.29
N LYS A 272 -26.94 -32.31 10.82
CA LYS A 272 -28.03 -31.56 11.42
C LYS A 272 -28.97 -30.99 10.37
N TYR A 273 -28.43 -30.45 9.30
CA TYR A 273 -29.21 -29.68 8.32
C TYR A 273 -29.31 -30.32 6.94
N GLY A 274 -28.50 -31.32 6.63
CA GLY A 274 -28.50 -31.85 5.27
C GLY A 274 -29.10 -33.23 5.11
N GLY B 2 15.52 25.31 -4.48
CA GLY B 2 14.92 24.00 -4.35
C GLY B 2 14.00 23.62 -5.50
N MET B 3 13.45 22.40 -5.44
CA MET B 3 12.51 21.90 -6.42
C MET B 3 11.09 22.30 -6.03
N LYS B 4 10.28 22.62 -7.03
CA LYS B 4 8.93 23.12 -6.77
C LYS B 4 7.97 21.95 -6.64
N THR B 5 7.15 21.97 -5.59
CA THR B 5 6.06 21.03 -5.51
C THR B 5 5.09 21.25 -6.67
N ARG B 6 4.27 20.22 -6.92
CA ARG B 6 3.14 20.37 -7.83
C ARG B 6 2.29 21.57 -7.46
N LEU B 7 1.97 21.74 -6.18
CA LEU B 7 1.11 22.86 -5.78
C LEU B 7 1.73 24.20 -6.16
N GLU B 8 3.02 24.37 -5.90
CA GLU B 8 3.65 25.65 -6.20
C GLU B 8 3.57 25.94 -7.69
N GLN B 9 3.77 24.90 -8.52
CA GLN B 9 3.70 25.12 -9.96
C GLN B 9 2.30 25.52 -10.38
N VAL B 10 1.29 24.93 -9.76
CA VAL B 10 -0.09 25.24 -10.11
C VAL B 10 -0.45 26.65 -9.64
N LEU B 11 -0.04 27.01 -8.43
CA LEU B 11 -0.35 28.35 -7.94
C LEU B 11 0.33 29.40 -8.80
N GLU B 12 1.57 29.15 -9.21
CA GLU B 12 2.25 30.12 -10.06
C GLU B 12 1.48 30.37 -11.35
N ARG B 13 0.73 29.38 -11.79
CA ARG B 13 -0.01 29.46 -13.05
C ARG B 13 -1.41 30.04 -12.89
N TYR B 14 -2.13 29.67 -11.82
CA TYR B 14 -3.57 29.92 -11.71
C TYR B 14 -4.00 30.78 -10.54
N LEU B 15 -3.13 31.04 -9.55
CA LEU B 15 -3.59 31.75 -8.36
C LEU B 15 -4.16 33.12 -8.70
N ASN B 16 -3.50 33.87 -9.60
CA ASN B 16 -4.13 35.05 -10.22
C ASN B 16 -4.54 36.08 -9.15
N GLY B 17 -3.68 36.24 -8.13
CA GLY B 17 -3.89 37.32 -7.17
C GLY B 17 -4.84 36.99 -6.03
N ARG B 18 -5.53 35.86 -6.08
CA ARG B 18 -6.39 35.42 -4.98
C ARG B 18 -5.58 34.98 -3.77
N GLU B 19 -6.29 34.70 -2.70
CA GLU B 19 -5.65 34.22 -1.49
C GLU B 19 -5.90 32.72 -1.35
N VAL B 20 -4.88 31.99 -0.88
CA VAL B 20 -5.01 30.55 -0.68
C VAL B 20 -5.83 30.28 0.58
N ALA B 21 -6.86 29.44 0.44
CA ALA B 21 -7.72 29.05 1.57
C ALA B 21 -7.44 27.59 1.85
N VAL B 22 -6.75 27.32 2.96
CA VAL B 22 -6.32 25.97 3.29
C VAL B 22 -7.48 25.22 3.93
N TRP B 23 -7.83 24.06 3.34
CA TRP B 23 -8.90 23.19 3.80
C TRP B 23 -8.24 21.93 4.36
N GLY B 24 -8.13 21.83 5.68
CA GLY B 24 -7.50 20.69 6.32
C GLY B 24 -6.38 21.12 7.24
N VAL B 25 -5.90 20.16 8.02
CA VAL B 25 -4.82 20.40 8.98
C VAL B 25 -3.53 20.59 8.20
N PRO B 26 -2.79 21.68 8.39
CA PRO B 26 -1.58 21.89 7.57
C PRO B 26 -0.43 20.99 7.99
N THR B 27 0.54 20.86 7.09
CA THR B 27 1.73 20.08 7.32
C THR B 27 2.95 20.98 7.12
N ARG B 28 4.09 20.49 7.59
CA ARG B 28 5.32 21.25 7.40
C ARG B 28 5.66 21.37 5.92
N ARG B 29 5.39 20.33 5.12
CA ARG B 29 5.60 20.39 3.68
C ARG B 29 4.74 21.46 3.04
N LEU B 30 3.47 21.56 3.47
CA LEU B 30 2.55 22.53 2.88
C LEU B 30 2.96 23.95 3.21
N LEU B 31 3.31 24.21 4.46
CA LEU B 31 3.63 25.56 4.91
C LEU B 31 4.86 26.08 4.20
N ARG B 32 5.82 25.20 3.93
CA ARG B 32 6.98 25.61 3.14
C ARG B 32 6.57 25.92 1.71
N ALA B 33 5.72 25.09 1.10
CA ALA B 33 5.33 25.36 -0.27
C ALA B 33 4.57 26.69 -0.39
N LEU B 34 3.86 27.08 0.67
CA LEU B 34 2.97 28.23 0.63
C LEU B 34 3.68 29.53 0.97
N LYS B 35 4.94 29.47 1.41
CA LYS B 35 5.66 30.68 1.81
C LYS B 35 5.60 31.81 0.77
N PRO B 36 5.73 31.58 -0.54
CA PRO B 36 5.62 32.72 -1.48
C PRO B 36 4.21 33.36 -1.55
N PHE B 37 3.18 32.74 -0.98
CA PHE B 37 1.80 33.12 -1.24
C PHE B 37 1.10 33.56 0.04
N LYS B 38 0.04 34.36 -0.13
CA LYS B 38 -0.81 34.75 0.97
C LYS B 38 -1.81 33.62 1.22
N PHE B 39 -1.99 33.24 2.49
CA PHE B 39 -2.90 32.12 2.78
C PHE B 39 -3.52 32.27 4.16
N HIS B 40 -4.67 31.60 4.34
CA HIS B 40 -5.37 31.60 5.61
C HIS B 40 -6.13 30.28 5.72
N THR B 41 -6.56 29.94 6.93
CA THR B 41 -7.44 28.78 7.11
C THR B 41 -8.77 29.05 6.42
N ALA B 42 -9.26 28.07 5.65
CA ALA B 42 -10.52 28.25 4.95
C ALA B 42 -11.68 28.36 5.93
N ASP B 43 -12.58 29.31 5.67
CA ASP B 43 -13.85 29.35 6.38
C ASP B 43 -14.97 29.53 5.35
N ARG B 44 -15.32 30.78 5.01
CA ARG B 44 -16.17 31.04 3.86
C ARG B 44 -15.30 31.29 2.63
N VAL B 45 -15.59 30.60 1.53
CA VAL B 45 -14.72 30.67 0.36
C VAL B 45 -15.55 30.98 -0.88
N ASP B 46 -14.90 31.65 -1.85
CA ASP B 46 -15.50 32.09 -3.10
C ASP B 46 -14.39 31.98 -4.14
N PRO B 47 -14.66 31.35 -5.31
CA PRO B 47 -13.56 31.16 -6.27
C PRO B 47 -13.12 32.45 -6.93
N GLN B 48 -13.90 33.52 -6.81
CA GLN B 48 -13.44 34.85 -7.24
C GLN B 48 -12.36 35.37 -6.31
N TYR B 49 -12.40 34.96 -5.04
CA TYR B 49 -11.52 35.51 -4.01
C TYR B 49 -10.46 34.56 -3.53
N HIS B 50 -10.69 33.26 -3.67
CA HIS B 50 -9.88 32.25 -2.98
C HIS B 50 -9.55 31.12 -3.93
N TYR B 51 -8.39 30.52 -3.69
CA TYR B 51 -7.94 29.25 -4.25
C TYR B 51 -7.91 28.25 -3.11
N VAL B 52 -8.67 27.16 -3.20
CA VAL B 52 -8.78 26.24 -2.06
C VAL B 52 -7.73 25.15 -2.22
N VAL B 53 -6.91 24.96 -1.19
CA VAL B 53 -5.96 23.86 -1.14
C VAL B 53 -6.44 22.88 -0.06
N ALA B 54 -6.94 21.75 -0.51
CA ALA B 54 -7.21 20.59 0.33
C ALA B 54 -5.88 19.92 0.66
N VAL B 55 -5.60 19.69 1.95
CA VAL B 55 -4.29 19.11 2.28
C VAL B 55 -4.21 17.66 1.86
N THR B 56 -5.15 16.81 2.33
CA THR B 56 -5.19 15.39 2.00
C THR B 56 -6.32 15.09 1.02
N ASP B 57 -6.26 13.91 0.42
CA ASP B 57 -7.40 13.43 -0.37
C ASP B 57 -8.69 13.44 0.44
N ASP B 58 -8.64 13.07 1.72
CA ASP B 58 -9.83 13.13 2.57
C ASP B 58 -10.35 14.56 2.72
N ASP B 59 -9.43 15.52 2.86
CA ASP B 59 -9.83 16.93 2.89
C ASP B 59 -10.55 17.33 1.61
N LEU B 60 -10.07 16.86 0.46
CA LEU B 60 -10.72 17.20 -0.81
C LEU B 60 -12.14 16.65 -0.86
N THR B 61 -12.31 15.38 -0.51
CA THR B 61 -13.65 14.81 -0.45
C THR B 61 -14.56 15.66 0.44
N ASP B 62 -14.06 16.10 1.59
CA ASP B 62 -14.88 16.97 2.44
C ASP B 62 -15.22 18.28 1.72
N PHE B 63 -14.23 18.92 1.11
CA PHE B 63 -14.48 20.17 0.40
C PHE B 63 -15.47 20.00 -0.74
N LEU B 64 -15.33 18.94 -1.54
CA LEU B 64 -16.21 18.78 -2.70
C LEU B 64 -17.64 18.38 -2.30
N SER B 65 -17.83 17.90 -1.08
CA SER B 65 -19.17 17.64 -0.58
C SER B 65 -19.82 18.88 -0.01
N ASP B 66 -19.03 19.94 0.20
CA ASP B 66 -19.51 21.18 0.80
C ASP B 66 -20.17 22.06 -0.24
N GLU B 67 -21.27 22.72 0.14
CA GLU B 67 -21.98 23.59 -0.81
C GLU B 67 -21.06 24.69 -1.36
N GLN B 68 -20.06 25.11 -0.59
CA GLN B 68 -19.17 26.19 -1.03
C GLN B 68 -18.30 25.81 -2.22
N SER B 69 -18.18 24.53 -2.57
CA SER B 69 -17.28 24.13 -3.64
C SER B 69 -17.92 24.22 -5.00
N LYS B 70 -19.20 24.61 -5.04
CA LYS B 70 -20.04 24.44 -6.22
C LYS B 70 -19.42 25.04 -7.47
N SER B 71 -18.81 26.21 -7.37
CA SER B 71 -18.28 26.87 -8.57
C SER B 71 -16.78 26.72 -8.73
N PHE B 72 -16.13 25.92 -7.89
CA PHE B 72 -14.70 25.72 -7.98
C PHE B 72 -14.37 24.69 -9.05
N GLN B 73 -13.42 25.04 -9.91
CA GLN B 73 -12.97 24.16 -11.00
C GLN B 73 -11.64 23.53 -10.61
N TYR B 74 -11.51 22.24 -10.90
CA TYR B 74 -10.25 21.55 -10.63
C TYR B 74 -9.05 22.23 -11.29
N ALA B 75 -7.96 22.34 -10.51
CA ALA B 75 -6.69 22.95 -10.88
C ALA B 75 -6.80 24.46 -11.02
N ASN B 76 -7.82 24.94 -11.72
CA ASN B 76 -7.93 26.39 -11.89
C ASN B 76 -8.20 27.08 -10.56
N ASP B 77 -8.98 26.42 -9.69
CA ASP B 77 -9.42 27.03 -8.43
C ASP B 77 -9.17 26.20 -7.19
N TYR B 78 -8.84 24.91 -7.32
CA TYR B 78 -8.56 24.10 -6.15
C TYR B 78 -7.61 22.97 -6.52
N LEU B 79 -6.90 22.48 -5.51
CA LEU B 79 -5.96 21.40 -5.70
C LEU B 79 -5.81 20.69 -4.36
N THR B 80 -5.30 19.45 -4.42
CA THR B 80 -4.92 18.69 -3.22
C THR B 80 -3.41 18.79 -3.09
N PHE B 81 -2.92 19.19 -1.90
CA PHE B 81 -1.48 19.28 -1.75
C PHE B 81 -0.82 17.91 -1.80
N ASP B 82 -1.36 16.94 -1.06
CA ASP B 82 -0.77 15.61 -0.95
C ASP B 82 -1.18 14.75 -2.14
N ASP B 83 -0.81 15.22 -3.33
CA ASP B 83 -1.21 14.58 -4.59
C ASP B 83 -0.13 14.88 -5.63
N GLU B 84 1.12 14.64 -5.26
CA GLU B 84 2.23 15.06 -6.09
C GLU B 84 2.19 14.39 -7.48
N GLY B 85 1.61 13.20 -7.57
CA GLY B 85 1.51 12.55 -8.88
C GLY B 85 0.18 12.79 -9.58
N GLY B 86 -0.60 13.77 -9.12
CA GLY B 86 -1.93 13.95 -9.66
C GLY B 86 -1.93 14.61 -11.04
N GLU B 87 -2.98 14.36 -11.81
CA GLU B 87 -3.02 14.88 -13.18
C GLU B 87 -3.20 16.39 -13.19
N LEU B 88 -2.72 17.01 -14.26
CA LEU B 88 -2.85 18.46 -14.48
C LEU B 88 -3.09 18.70 -15.95
N PRO B 89 -3.72 19.82 -16.32
CA PRO B 89 -3.94 20.13 -17.74
C PRO B 89 -2.71 20.68 -18.43
N PHE B 90 -1.61 20.88 -17.72
CA PHE B 90 -0.39 21.36 -18.33
C PHE B 90 0.80 20.52 -17.88
N GLU B 91 1.85 20.54 -18.69
CA GLU B 91 3.05 19.77 -18.38
C GLU B 91 3.75 20.37 -17.17
N ARG B 92 4.16 19.52 -16.23
CA ARG B 92 4.77 19.97 -14.97
C ARG B 92 6.07 19.22 -14.74
N MET B 93 6.72 19.53 -13.59
CA MET B 93 7.90 18.81 -13.10
C MET B 93 7.51 18.05 -11.83
N CYS B 94 8.00 16.83 -11.68
CA CYS B 94 7.87 16.08 -10.42
C CYS B 94 9.29 15.77 -9.97
N PHE B 95 9.78 16.47 -8.92
CA PHE B 95 11.18 16.36 -8.50
C PHE B 95 12.12 16.49 -9.70
N ASN B 96 11.87 17.46 -10.56
CA ASN B 96 12.73 17.71 -11.72
C ASN B 96 12.60 16.61 -12.80
N VAL B 97 11.50 15.87 -12.81
CA VAL B 97 11.15 14.97 -13.91
C VAL B 97 9.99 15.60 -14.68
N PRO B 98 10.11 15.81 -15.99
CA PRO B 98 8.96 16.30 -16.77
C PRO B 98 7.84 15.27 -16.83
N VAL B 99 6.61 15.75 -16.63
CA VAL B 99 5.40 14.92 -16.70
C VAL B 99 4.40 15.58 -17.65
N GLY B 100 3.87 14.80 -18.59
CA GLY B 100 2.94 15.34 -19.58
C GLY B 100 1.57 15.65 -18.98
N ARG B 101 0.73 16.26 -19.82
CA ARG B 101 -0.65 16.60 -19.48
C ARG B 101 -1.49 15.35 -19.22
N GLN B 102 -2.45 15.49 -18.29
CA GLN B 102 -3.44 14.45 -17.97
C GLN B 102 -2.78 13.12 -17.66
N THR B 103 -1.66 13.19 -16.95
CA THR B 103 -0.92 12.00 -16.57
C THR B 103 -0.87 11.91 -15.05
N TYR B 104 -1.19 10.74 -14.50
CA TYR B 104 -1.21 10.61 -13.04
C TYR B 104 -0.51 9.34 -12.58
N PHE B 105 -0.05 9.36 -11.33
CA PHE B 105 0.65 8.22 -10.75
C PHE B 105 0.68 8.42 -9.23
N GLY B 106 1.07 7.37 -8.52
CA GLY B 106 1.03 7.38 -7.09
C GLY B 106 2.40 7.55 -6.45
N ASP B 107 2.42 7.31 -5.13
CA ASP B 107 3.58 7.71 -4.33
C ASP B 107 4.82 6.88 -4.64
N GLY B 108 4.64 5.62 -5.04
CA GLY B 108 5.79 4.83 -5.49
C GLY B 108 6.53 5.44 -6.67
N VAL B 109 5.78 5.96 -7.63
CA VAL B 109 6.40 6.59 -8.80
C VAL B 109 6.96 7.98 -8.50
N VAL B 110 6.30 8.75 -7.62
CA VAL B 110 6.89 9.98 -7.11
C VAL B 110 8.24 9.68 -6.49
N GLY B 111 8.30 8.64 -5.66
CA GLY B 111 9.55 8.24 -5.05
C GLY B 111 10.61 7.90 -6.08
N ALA B 112 10.22 7.21 -7.16
CA ALA B 112 11.16 6.88 -8.21
C ALA B 112 11.65 8.15 -8.92
N CYS B 113 10.78 9.15 -9.07
CA CYS B 113 11.23 10.44 -9.61
C CYS B 113 12.29 11.07 -8.71
N GLU B 114 12.00 11.13 -7.40
CA GLU B 114 12.96 11.69 -6.43
C GLU B 114 14.28 10.91 -6.39
N ASN B 115 14.22 9.58 -6.60
CA ASN B 115 15.43 8.75 -6.58
C ASN B 115 16.26 8.86 -7.85
N GLY B 116 15.76 9.54 -8.88
CA GLY B 116 16.51 9.68 -10.11
C GLY B 116 16.30 8.54 -11.09
N TYR B 117 15.27 7.73 -10.90
CA TYR B 117 15.11 6.55 -11.75
C TYR B 117 14.36 6.84 -13.04
N ILE B 118 13.76 8.02 -13.18
CA ILE B 118 12.84 8.29 -14.27
C ILE B 118 13.29 9.54 -15.00
N LYS B 119 13.38 9.44 -16.32
CA LYS B 119 13.82 10.56 -17.13
C LYS B 119 12.66 11.49 -17.47
N SER B 120 11.52 10.92 -17.81
CA SER B 120 10.34 11.68 -18.18
C SER B 120 9.16 10.74 -18.20
N ILE B 121 7.98 11.31 -18.03
CA ILE B 121 6.74 10.56 -18.17
C ILE B 121 5.85 11.31 -19.14
N GLY B 122 5.30 10.58 -20.11
CA GLY B 122 4.61 11.20 -21.22
C GLY B 122 3.23 11.78 -20.89
N GLN B 123 2.48 12.06 -21.95
CA GLN B 123 1.15 12.63 -21.89
C GLN B 123 0.09 11.54 -21.88
N PHE B 124 -1.02 11.81 -21.18
CA PHE B 124 -2.19 10.95 -21.17
C PHE B 124 -1.82 9.55 -20.68
N THR B 125 -0.98 9.51 -19.66
CA THR B 125 -0.51 8.24 -19.14
C THR B 125 -1.13 7.99 -17.77
N SER B 126 -1.53 6.74 -17.52
CA SER B 126 -2.40 6.37 -16.40
C SER B 126 -1.70 5.28 -15.60
N ILE B 127 -1.20 5.62 -14.43
CA ILE B 127 -0.42 4.70 -13.62
C ILE B 127 -1.14 4.48 -12.30
N ASN B 128 -1.51 3.23 -12.04
CA ASN B 128 -2.20 2.90 -10.80
C ASN B 128 -1.37 3.28 -9.56
N GLY B 129 -2.09 3.73 -8.53
CA GLY B 129 -1.45 4.20 -7.30
C GLY B 129 -0.52 3.20 -6.65
N THR B 130 -0.73 1.90 -6.86
CA THR B 130 0.11 0.93 -6.17
C THR B 130 1.27 0.41 -7.03
N ALA B 131 1.47 0.95 -8.24
CA ALA B 131 2.64 0.57 -9.03
C ALA B 131 3.93 0.96 -8.31
N GLU B 132 4.97 0.17 -8.51
CA GLU B 132 6.27 0.41 -7.87
C GLU B 132 7.39 0.37 -8.90
N ILE B 133 8.39 1.20 -8.67
CA ILE B 133 9.57 1.25 -9.53
C ILE B 133 10.79 1.29 -8.63
N HIS B 134 11.59 0.22 -8.64
CA HIS B 134 12.78 0.10 -7.81
CA HIS B 134 12.81 0.21 -7.86
C HIS B 134 13.90 -0.54 -8.62
N ALA B 135 15.12 -0.36 -8.14
CA ALA B 135 16.32 -0.96 -8.70
C ALA B 135 16.70 -2.24 -7.97
N ASN B 136 17.68 -2.94 -8.53
CA ASN B 136 18.26 -4.13 -7.92
C ASN B 136 19.43 -3.72 -7.03
N HIS B 137 19.64 -4.49 -5.96
CA HIS B 137 20.92 -4.37 -5.29
C HIS B 137 21.98 -5.04 -6.17
N GLN B 138 23.24 -4.83 -5.81
CA GLN B 138 24.33 -5.55 -6.46
C GLN B 138 24.13 -7.05 -6.25
N LEU B 139 24.39 -7.82 -7.30
CA LEU B 139 24.18 -9.25 -7.29
C LEU B 139 25.48 -10.04 -7.46
N ASN B 140 26.62 -9.35 -7.45
CA ASN B 140 27.91 -9.98 -7.74
C ASN B 140 28.90 -9.86 -6.60
N MET B 141 28.48 -9.52 -5.39
CA MET B 141 29.41 -9.51 -4.29
C MET B 141 28.98 -10.57 -3.28
N THR B 142 29.69 -10.60 -2.14
CA THR B 142 29.37 -11.63 -1.16
C THR B 142 28.08 -11.31 -0.43
N PHE B 143 27.75 -10.04 -0.30
CA PHE B 143 26.54 -9.56 0.34
C PHE B 143 25.61 -8.92 -0.68
N VAL B 144 24.31 -8.98 -0.39
CA VAL B 144 23.30 -8.27 -1.17
C VAL B 144 22.80 -7.01 -0.44
N SER B 145 23.14 -6.85 0.84
CA SER B 145 22.63 -5.69 1.58
C SER B 145 23.13 -4.39 0.96
N ASP B 146 22.30 -3.33 1.03
CA ASP B 146 22.83 -1.99 0.80
C ASP B 146 23.30 -1.28 2.06
N ASP B 147 22.53 -1.35 3.14
CA ASP B 147 22.81 -0.51 4.31
C ASP B 147 23.98 -1.00 5.15
N ILE B 148 24.59 -2.13 4.82
CA ILE B 148 25.91 -2.46 5.35
C ILE B 148 26.89 -1.30 5.07
N GLN B 149 26.65 -0.54 3.99
CA GLN B 149 27.57 0.55 3.64
C GLN B 149 27.58 1.65 4.71
N ASN B 150 26.55 1.73 5.57
CA ASN B 150 26.56 2.66 6.70
C ASN B 150 27.68 2.34 7.68
N PHE B 151 28.22 1.13 7.65
CA PHE B 151 29.38 0.79 8.46
C PHE B 151 30.70 0.94 7.71
N PHE B 152 30.68 1.28 6.43
CA PHE B 152 31.92 1.41 5.66
C PHE B 152 32.63 2.71 6.02
N ASN B 153 33.93 2.63 6.30
CA ASN B 153 34.73 3.87 6.40
C ASN B 153 34.96 4.45 5.00
N GLU B 154 35.72 5.56 4.93
CA GLU B 154 35.92 6.21 3.63
C GLU B 154 36.58 5.27 2.61
N GLU B 155 37.58 4.50 3.05
CA GLU B 155 38.25 3.61 2.12
C GLU B 155 37.29 2.52 1.65
N SER B 156 36.59 1.87 2.58
CA SER B 156 35.68 0.79 2.21
C SER B 156 34.57 1.29 1.30
N MET B 157 34.03 2.47 1.62
CA MET B 157 32.95 2.98 0.78
C MET B 157 33.45 3.22 -0.65
N ALA B 158 34.68 3.71 -0.80
CA ALA B 158 35.21 3.98 -2.14
C ALA B 158 35.37 2.69 -2.94
N VAL B 159 35.79 1.61 -2.28
CA VAL B 159 35.98 0.36 -2.98
C VAL B 159 34.63 -0.20 -3.42
N PHE B 160 33.63 -0.09 -2.54
CA PHE B 160 32.27 -0.50 -2.84
C PHE B 160 31.70 0.29 -4.01
N GLN B 161 31.80 1.63 -3.95
CA GLN B 161 31.19 2.45 -5.00
C GLN B 161 31.87 2.21 -6.33
N GLU B 162 33.18 1.98 -6.31
CA GLU B 162 33.89 1.76 -7.56
C GLU B 162 33.37 0.51 -8.27
N LYS B 163 33.16 -0.58 -7.53
CA LYS B 163 32.64 -1.79 -8.14
C LYS B 163 31.22 -1.60 -8.65
N LEU B 164 30.37 -0.91 -7.88
CA LEU B 164 29.02 -0.62 -8.34
C LEU B 164 29.03 0.13 -9.67
N ARG B 165 29.91 1.12 -9.79
CA ARG B 165 29.97 1.92 -11.01
C ARG B 165 30.33 1.07 -12.23
N LYS B 166 31.13 0.03 -12.05
CA LYS B 166 31.57 -0.81 -13.16
C LYS B 166 30.66 -1.99 -13.46
N ASP B 167 29.63 -2.21 -12.66
CA ASP B 167 28.76 -3.38 -12.82
C ASP B 167 27.86 -3.24 -14.03
N PRO B 168 27.94 -4.12 -15.03
CA PRO B 168 27.09 -3.97 -16.22
C PRO B 168 25.63 -4.23 -15.96
N LYS B 169 25.26 -4.76 -14.79
CA LYS B 169 23.86 -4.98 -14.50
C LYS B 169 23.21 -3.78 -13.81
N HIS B 170 23.97 -2.68 -13.60
CA HIS B 170 23.41 -1.40 -13.14
C HIS B 170 22.72 -1.49 -11.77
N PRO B 171 23.37 -2.00 -10.73
CA PRO B 171 22.75 -1.98 -9.41
C PRO B 171 22.44 -0.55 -9.02
N TYR B 172 21.31 -0.37 -8.33
CA TYR B 172 20.90 0.96 -7.89
C TYR B 172 20.77 1.96 -9.05
N ALA B 173 20.66 1.44 -10.27
CA ALA B 173 20.50 2.22 -11.50
C ALA B 173 21.76 3.00 -11.81
N TYR B 174 22.90 2.50 -11.32
CA TYR B 174 24.18 3.10 -11.67
C TYR B 174 24.48 2.89 -13.16
N SER B 175 25.15 3.87 -13.76
CA SER B 175 25.76 3.75 -15.10
C SER B 175 24.74 3.36 -16.18
N LYS B 176 23.50 3.83 -16.04
CA LYS B 176 22.50 3.65 -17.08
C LYS B 176 21.64 4.91 -17.16
N GLU B 177 20.92 5.05 -18.28
CA GLU B 177 20.02 6.17 -18.44
C GLU B 177 18.80 5.96 -17.55
N PRO B 178 18.29 7.03 -16.92
CA PRO B 178 16.97 6.93 -16.29
C PRO B 178 15.94 6.55 -17.35
N MET B 179 14.89 5.86 -16.93
CA MET B 179 13.89 5.31 -17.85
C MET B 179 12.89 6.36 -18.31
N THR B 180 12.55 6.27 -19.59
CA THR B 180 11.49 7.09 -20.17
C THR B 180 10.19 6.27 -20.14
N ILE B 181 9.11 6.87 -19.64
CA ILE B 181 7.79 6.26 -19.68
C ILE B 181 6.97 7.04 -20.70
N GLY B 182 6.47 6.35 -21.73
CA GLY B 182 5.87 7.00 -22.87
C GLY B 182 4.50 7.65 -22.59
N SER B 183 3.87 8.06 -23.69
CA SER B 183 2.53 8.65 -23.66
C SER B 183 1.49 7.56 -23.90
N ASP B 184 0.25 7.84 -23.45
CA ASP B 184 -0.91 6.95 -23.59
C ASP B 184 -0.56 5.55 -23.05
N VAL B 185 0.18 5.52 -21.94
CA VAL B 185 0.61 4.29 -21.28
C VAL B 185 -0.37 3.96 -20.16
N TYR B 186 -0.61 2.67 -19.93
CA TYR B 186 -1.38 2.23 -18.76
C TYR B 186 -0.52 1.31 -17.92
N ILE B 187 -0.51 1.52 -16.60
CA ILE B 187 0.23 0.63 -15.69
C ILE B 187 -0.70 0.26 -14.56
N GLY B 188 -0.89 -1.04 -14.34
CA GLY B 188 -1.95 -1.53 -13.47
C GLY B 188 -1.52 -1.68 -12.01
N ALA B 189 -2.46 -2.17 -11.21
CA ALA B 189 -2.23 -2.29 -9.77
C ALA B 189 -1.09 -3.26 -9.47
N HIS B 190 -0.28 -2.92 -8.46
CA HIS B 190 0.83 -3.75 -7.98
C HIS B 190 1.81 -4.11 -9.09
N ALA B 191 1.83 -3.35 -10.18
CA ALA B 191 2.85 -3.54 -11.20
C ALA B 191 4.20 -3.11 -10.65
N PHE B 192 5.26 -3.74 -11.15
CA PHE B 192 6.61 -3.44 -10.72
C PHE B 192 7.46 -3.27 -11.96
N ILE B 193 8.23 -2.19 -12.02
CA ILE B 193 9.17 -1.97 -13.10
C ILE B 193 10.57 -1.86 -12.53
N ASN B 194 11.48 -2.65 -13.07
CA ASN B 194 12.82 -2.74 -12.53
C ASN B 194 13.71 -1.64 -13.13
N ALA B 195 14.19 -0.72 -12.28
CA ALA B 195 14.99 0.42 -12.72
C ALA B 195 16.43 0.06 -13.05
N SER B 196 16.93 -1.11 -12.63
CA SER B 196 18.26 -1.51 -13.06
C SER B 196 18.29 -1.93 -14.53
N THR B 197 17.21 -2.49 -15.04
CA THR B 197 17.29 -3.15 -16.33
C THR B 197 16.28 -2.63 -17.34
N VAL B 198 15.54 -1.58 -17.03
CA VAL B 198 14.53 -1.00 -17.92
C VAL B 198 14.90 0.45 -18.19
N THR B 199 15.02 0.80 -19.48
CA THR B 199 15.20 2.20 -19.84
C THR B 199 14.03 2.80 -20.60
N SER B 200 13.08 1.99 -21.06
CA SER B 200 11.98 2.51 -21.87
C SER B 200 10.73 1.70 -21.63
N ILE B 201 9.65 2.40 -21.26
CA ILE B 201 8.28 1.91 -21.42
C ILE B 201 7.72 2.65 -22.63
N GLY B 202 7.55 1.94 -23.75
CA GLY B 202 7.22 2.58 -25.02
C GLY B 202 5.86 3.26 -24.99
N ASP B 203 5.69 4.22 -25.92
CA ASP B 203 4.38 4.87 -26.06
C ASP B 203 3.30 3.80 -26.23
N GLY B 204 2.17 3.99 -25.60
CA GLY B 204 1.08 3.05 -25.81
C GLY B 204 1.16 1.76 -25.02
N ALA B 205 2.24 1.51 -24.30
CA ALA B 205 2.36 0.22 -23.63
C ALA B 205 1.31 0.06 -22.52
N ILE B 206 0.90 -1.18 -22.29
CA ILE B 206 -0.03 -1.55 -21.23
C ILE B 206 0.65 -2.58 -20.35
N ILE B 207 0.85 -2.23 -19.09
CA ILE B 207 1.43 -3.15 -18.12
C ILE B 207 0.30 -3.63 -17.21
N GLY B 208 0.00 -4.93 -17.25
CA GLY B 208 -1.11 -5.45 -16.49
C GLY B 208 -0.85 -5.44 -14.99
N SER B 209 -1.94 -5.50 -14.24
CA SER B 209 -1.86 -5.56 -12.79
C SER B 209 -1.03 -6.75 -12.36
N GLY B 210 -0.16 -6.54 -11.36
CA GLY B 210 0.73 -7.56 -10.87
C GLY B 210 1.94 -7.87 -11.72
N ALA B 211 2.11 -7.22 -12.87
CA ALA B 211 3.21 -7.57 -13.77
C ALA B 211 4.56 -7.15 -13.18
N VAL B 212 5.55 -8.01 -13.33
CA VAL B 212 6.91 -7.71 -12.89
C VAL B 212 7.76 -7.52 -14.14
N VAL B 213 8.00 -6.25 -14.49
CA VAL B 213 8.61 -5.83 -15.75
C VAL B 213 10.13 -5.74 -15.60
N LEU B 214 10.84 -6.69 -16.21
CA LEU B 214 12.29 -6.76 -16.09
C LEU B 214 13.04 -6.26 -17.33
N GLU B 215 12.36 -5.98 -18.45
CA GLU B 215 13.06 -5.44 -19.60
C GLU B 215 12.15 -4.44 -20.32
N ASN B 216 12.74 -3.71 -21.27
CA ASN B 216 11.99 -2.68 -21.98
C ASN B 216 10.69 -3.24 -22.56
N VAL B 217 9.66 -2.41 -22.51
CA VAL B 217 8.36 -2.74 -23.10
C VAL B 217 8.24 -1.99 -24.41
N PRO B 218 8.12 -2.69 -25.54
CA PRO B 218 8.00 -2.00 -26.84
C PRO B 218 6.72 -1.18 -26.94
N PRO B 219 6.70 -0.18 -27.81
CA PRO B 219 5.47 0.62 -28.01
C PRO B 219 4.26 -0.26 -28.34
N PHE B 220 3.16 0.03 -27.65
CA PHE B 220 1.85 -0.58 -27.84
C PHE B 220 1.83 -2.07 -27.53
N ALA B 221 2.85 -2.57 -26.82
CA ALA B 221 2.83 -3.93 -26.32
C ALA B 221 2.05 -3.98 -25.00
N VAL B 222 1.35 -5.09 -24.81
CA VAL B 222 0.62 -5.41 -23.58
C VAL B 222 1.37 -6.53 -22.87
N VAL B 223 1.84 -6.26 -21.64
CA VAL B 223 2.64 -7.23 -20.91
C VAL B 223 1.97 -7.60 -19.59
N VAL B 224 2.13 -8.87 -19.18
CA VAL B 224 1.48 -9.43 -17.99
C VAL B 224 2.43 -10.45 -17.38
N GLY B 225 2.17 -10.80 -16.12
CA GLY B 225 2.76 -11.97 -15.49
C GLY B 225 3.98 -11.69 -14.63
N VAL B 226 4.46 -12.75 -13.99
CA VAL B 226 5.69 -12.68 -13.21
C VAL B 226 6.67 -13.73 -13.71
N PRO B 227 7.71 -13.38 -14.48
CA PRO B 227 8.09 -12.04 -14.94
C PRO B 227 7.16 -11.59 -16.05
N ALA B 228 7.30 -10.38 -16.55
CA ALA B 228 6.38 -9.87 -17.56
C ALA B 228 6.81 -10.33 -18.94
N ARG B 229 5.83 -10.75 -19.75
CA ARG B 229 6.08 -11.11 -21.14
C ARG B 229 4.96 -10.50 -21.98
N ILE B 230 5.28 -10.30 -23.25
CA ILE B 230 4.36 -9.69 -24.19
C ILE B 230 3.19 -10.64 -24.45
N LYS B 231 1.98 -10.16 -24.16
CA LYS B 231 0.76 -10.91 -24.42
C LYS B 231 0.26 -10.65 -25.83
N ARG B 232 0.21 -9.38 -26.22
CA ARG B 232 -0.28 -8.99 -27.53
C ARG B 232 0.16 -7.55 -27.78
N TYR B 233 -0.03 -7.09 -29.02
CA TYR B 233 0.10 -5.68 -29.34
C TYR B 233 -1.29 -5.11 -29.54
N ARG B 234 -1.44 -3.81 -29.18
CA ARG B 234 -2.74 -3.16 -29.28
C ARG B 234 -3.21 -3.00 -30.72
N PHE B 235 -2.27 -2.78 -31.64
CA PHE B 235 -2.61 -2.49 -33.04
C PHE B 235 -1.63 -3.21 -33.95
N SER B 236 -1.94 -3.21 -35.25
CA SER B 236 -1.06 -3.76 -36.26
C SER B 236 0.27 -3.01 -36.29
N LYS B 237 1.29 -3.67 -36.88
CA LYS B 237 2.59 -3.00 -37.07
C LYS B 237 2.43 -1.69 -37.83
N GLU B 238 1.60 -1.69 -38.89
CA GLU B 238 1.43 -0.49 -39.68
C GLU B 238 0.78 0.63 -38.87
N MET B 239 -0.21 0.31 -38.03
CA MET B 239 -0.81 1.38 -37.24
C MET B 239 0.12 1.88 -36.13
N ILE B 240 0.85 0.98 -35.49
CA ILE B 240 1.86 1.40 -34.54
C ILE B 240 2.83 2.39 -35.19
N GLU B 241 3.33 2.05 -36.38
CA GLU B 241 4.23 2.98 -37.06
C GLU B 241 3.53 4.31 -37.33
N THR B 242 2.26 4.28 -37.71
CA THR B 242 1.54 5.53 -37.95
C THR B 242 1.39 6.34 -36.66
N LEU B 243 1.06 5.66 -35.53
CA LEU B 243 0.89 6.35 -34.25
C LEU B 243 2.19 7.03 -33.81
N LEU B 244 3.32 6.35 -33.97
CA LEU B 244 4.60 6.92 -33.57
C LEU B 244 4.98 8.13 -34.44
N ARG B 245 4.45 8.21 -35.66
CA ARG B 245 4.64 9.38 -36.53
C ARG B 245 3.70 10.51 -36.13
N VAL B 246 2.42 10.20 -35.94
CA VAL B 246 1.41 11.23 -35.74
C VAL B 246 1.56 11.92 -34.39
N LYS B 247 1.88 11.16 -33.35
CA LYS B 247 1.98 11.63 -31.96
C LYS B 247 0.77 12.48 -31.58
N TRP B 248 -0.42 11.86 -31.59
CA TRP B 248 -1.60 12.61 -31.20
C TRP B 248 -1.52 13.12 -29.76
N TRP B 249 -0.73 12.48 -28.91
CA TRP B 249 -0.59 12.91 -27.52
C TRP B 249 0.09 14.27 -27.39
N ASP B 250 0.61 14.82 -28.49
CA ASP B 250 1.17 16.17 -28.49
C ASP B 250 0.21 17.18 -29.08
N TRP B 251 -0.97 16.76 -29.51
CA TRP B 251 -1.94 17.62 -30.15
C TRP B 251 -2.47 18.67 -29.17
N SER B 252 -2.92 19.78 -29.70
CA SER B 252 -3.63 20.78 -28.93
C SER B 252 -5.02 20.24 -28.50
N ILE B 253 -5.63 20.92 -27.54
CA ILE B 253 -6.99 20.57 -27.16
C ILE B 253 -7.94 20.72 -28.34
N GLU B 254 -7.71 21.74 -29.16
CA GLU B 254 -8.50 21.92 -30.37
C GLU B 254 -8.35 20.74 -31.33
N GLU B 255 -7.11 20.28 -31.54
CA GLU B 255 -6.90 19.15 -32.45
C GLU B 255 -7.52 17.87 -31.90
N ILE B 256 -7.45 17.66 -30.58
CA ILE B 256 -8.04 16.47 -29.98
C ILE B 256 -9.54 16.42 -30.27
N ASN B 257 -10.22 17.57 -30.09
CA ASN B 257 -11.66 17.60 -30.30
C ASN B 257 -12.02 17.53 -31.78
N GLU B 258 -11.23 18.20 -32.65
CA GLU B 258 -11.53 18.09 -34.06
C GLU B 258 -11.38 16.66 -34.57
N ASN B 259 -10.53 15.87 -33.94
CA ASN B 259 -10.25 14.52 -34.39
C ASN B 259 -10.70 13.45 -33.43
N VAL B 260 -11.74 13.74 -32.64
CA VAL B 260 -12.19 12.77 -31.66
C VAL B 260 -12.68 11.52 -32.35
N ASP B 261 -13.18 11.64 -33.60
CA ASP B 261 -13.65 10.42 -34.28
C ASP B 261 -12.49 9.44 -34.53
N ALA B 262 -11.32 9.96 -34.93
CA ALA B 262 -10.15 9.11 -35.14
C ALA B 262 -9.55 8.62 -33.81
N LEU B 263 -9.70 9.38 -32.73
CA LEU B 263 -9.22 8.89 -31.45
C LEU B 263 -10.12 7.76 -30.92
N ILE B 264 -11.42 7.85 -31.17
CA ILE B 264 -12.33 6.80 -30.71
C ILE B 264 -12.20 5.55 -31.59
N SER B 265 -11.98 5.71 -32.89
CA SER B 265 -12.00 4.58 -33.84
C SER B 265 -10.64 4.40 -34.50
N PRO B 266 -9.90 3.35 -34.16
CA PRO B 266 -8.63 3.06 -34.85
C PRO B 266 -8.77 2.95 -36.34
N GLU B 267 -9.86 2.39 -36.84
CA GLU B 267 -10.05 2.30 -38.29
C GLU B 267 -10.01 3.69 -38.92
N LEU B 268 -10.67 4.66 -38.27
CA LEU B 268 -10.71 6.04 -38.77
C LEU B 268 -9.37 6.73 -38.60
N PHE B 269 -8.66 6.43 -37.52
CA PHE B 269 -7.31 6.94 -37.38
C PHE B 269 -6.45 6.50 -38.57
N MET B 270 -6.53 5.21 -38.93
CA MET B 270 -5.71 4.74 -40.05
C MET B 270 -6.17 5.32 -41.38
N LYS B 271 -7.48 5.53 -41.55
CA LYS B 271 -7.98 6.12 -42.77
C LYS B 271 -7.45 7.55 -42.98
N LYS B 272 -7.40 8.34 -41.91
CA LYS B 272 -6.94 9.72 -42.04
C LYS B 272 -5.42 9.82 -42.06
N TYR B 273 -4.72 9.07 -41.19
CA TYR B 273 -3.27 9.28 -41.06
C TYR B 273 -2.42 8.17 -41.67
N GLY B 274 -3.00 7.06 -42.07
CA GLY B 274 -2.18 5.95 -42.54
C GLY B 274 -1.79 6.04 -44.00
N SER B 275 -0.61 6.61 -44.26
CA SER B 275 -0.04 6.69 -45.61
C SER B 275 -1.02 7.28 -46.63
N GLN C 1 0.82 -2.58 28.12
CA GLN C 1 0.78 -1.13 28.01
C GLN C 1 1.84 -0.61 27.02
N GLY C 2 1.97 -1.27 25.88
CA GLY C 2 2.78 -0.73 24.81
C GLY C 2 4.28 -0.83 25.00
N MET C 3 4.92 -1.59 24.12
CA MET C 3 6.35 -1.83 24.25
C MET C 3 7.16 -0.64 23.74
N LYS C 4 8.46 -0.76 23.85
CA LYS C 4 9.35 0.33 23.52
C LYS C 4 9.31 0.61 22.02
N THR C 5 8.97 1.84 21.66
CA THR C 5 9.08 2.27 20.27
C THR C 5 10.53 2.34 19.81
N ARG C 6 10.70 2.23 18.50
CA ARG C 6 12.03 2.38 17.92
C ARG C 6 12.66 3.71 18.31
N LEU C 7 11.86 4.78 18.31
CA LEU C 7 12.39 6.09 18.68
C LEU C 7 12.94 6.09 20.10
N GLU C 8 12.20 5.48 21.04
CA GLU C 8 12.69 5.47 22.41
C GLU C 8 13.99 4.69 22.50
N GLN C 9 14.06 3.53 21.82
CA GLN C 9 15.31 2.76 21.84
C GLN C 9 16.47 3.60 21.32
N VAL C 10 16.23 4.44 20.32
CA VAL C 10 17.29 5.29 19.80
C VAL C 10 17.63 6.42 20.77
N LEU C 11 16.61 7.08 21.32
CA LEU C 11 16.90 8.21 22.20
C LEU C 11 17.62 7.76 23.47
N GLU C 12 17.32 6.56 23.98
CA GLU C 12 18.07 6.04 25.13
C GLU C 12 19.56 5.90 24.84
N ARG C 13 19.93 5.63 23.58
CA ARG C 13 21.34 5.49 23.26
C ARG C 13 21.99 6.78 22.80
N TYR C 14 21.25 7.66 22.11
CA TYR C 14 21.93 8.74 21.38
C TYR C 14 21.53 10.15 21.77
N LEU C 15 20.49 10.34 22.60
CA LEU C 15 20.03 11.70 22.86
C LEU C 15 21.13 12.53 23.51
N ASN C 16 21.83 11.93 24.47
CA ASN C 16 23.01 12.53 25.09
C ASN C 16 22.72 13.91 25.67
N GLY C 17 21.59 14.02 26.37
CA GLY C 17 21.29 15.22 27.11
C GLY C 17 20.80 16.37 26.27
N ARG C 18 20.47 16.11 25.01
CA ARG C 18 19.93 17.15 24.15
C ARG C 18 18.42 17.18 24.32
N GLU C 19 17.77 18.14 23.66
CA GLU C 19 16.33 18.24 23.64
C GLU C 19 15.84 17.72 22.29
N VAL C 20 14.69 17.03 22.30
CA VAL C 20 14.11 16.54 21.07
C VAL C 20 13.37 17.67 20.39
N ALA C 21 13.61 17.86 19.10
CA ALA C 21 12.98 18.93 18.35
C ALA C 21 12.03 18.26 17.39
N VAL C 22 10.73 18.42 17.61
CA VAL C 22 9.75 17.68 16.82
C VAL C 22 9.48 18.43 15.53
N TRP C 23 9.76 17.77 14.41
CA TRP C 23 9.60 18.32 13.06
C TRP C 23 8.33 17.68 12.48
N GLY C 24 7.19 18.34 12.66
CA GLY C 24 5.90 17.84 12.18
C GLY C 24 4.84 17.93 13.27
N VAL C 25 3.63 17.54 12.90
CA VAL C 25 2.51 17.64 13.84
C VAL C 25 2.64 16.51 14.86
N PRO C 26 2.75 16.84 16.14
CA PRO C 26 2.90 15.78 17.15
C PRO C 26 1.61 14.98 17.33
N THR C 27 1.75 13.68 17.50
CA THR C 27 0.62 12.78 17.64
C THR C 27 0.51 12.29 19.07
N ARG C 28 -0.63 11.65 19.37
CA ARG C 28 -0.80 11.06 20.69
C ARG C 28 0.28 10.02 20.96
N ARG C 29 0.56 9.14 19.97
CA ARG C 29 1.58 8.10 20.20
C ARG C 29 2.97 8.71 20.40
N LEU C 30 3.30 9.74 19.63
CA LEU C 30 4.61 10.40 19.77
C LEU C 30 4.75 11.07 21.14
N LEU C 31 3.75 11.84 21.55
CA LEU C 31 3.82 12.51 22.85
C LEU C 31 3.98 11.52 24.00
N ARG C 32 3.31 10.37 23.92
CA ARG C 32 3.50 9.36 24.96
C ARG C 32 4.92 8.83 24.97
N ALA C 33 5.49 8.55 23.79
CA ALA C 33 6.86 8.05 23.71
C ALA C 33 7.88 9.07 24.19
N LEU C 34 7.56 10.37 24.07
CA LEU C 34 8.47 11.44 24.45
C LEU C 34 8.36 11.85 25.92
N LYS C 35 7.38 11.35 26.65
CA LYS C 35 7.20 11.74 28.05
C LYS C 35 8.47 11.66 28.90
N PRO C 36 9.37 10.68 28.75
CA PRO C 36 10.60 10.68 29.55
C PRO C 36 11.60 11.79 29.18
N PHE C 37 11.41 12.49 28.07
CA PHE C 37 12.45 13.33 27.49
C PHE C 37 12.01 14.78 27.36
N LYS C 38 12.98 15.70 27.37
CA LYS C 38 12.69 17.10 27.06
C LYS C 38 12.47 17.25 25.56
N PHE C 39 11.38 17.92 25.18
CA PHE C 39 11.05 18.07 23.77
C PHE C 39 10.29 19.38 23.55
N HIS C 40 10.32 19.83 22.29
CA HIS C 40 9.56 20.99 21.87
C HIS C 40 9.38 20.89 20.35
N THR C 41 8.43 21.64 19.83
CA THR C 41 8.26 21.70 18.39
C THR C 41 9.46 22.40 17.78
N ALA C 42 9.97 21.87 16.67
CA ALA C 42 11.21 22.34 16.07
C ALA C 42 11.05 23.68 15.35
N ASP C 43 12.01 24.58 15.53
CA ASP C 43 12.12 25.70 14.59
C ASP C 43 13.56 25.80 14.10
N ARG C 44 14.42 26.58 14.75
CA ARG C 44 15.84 26.52 14.45
C ARG C 44 16.46 25.37 15.21
N VAL C 45 17.27 24.55 14.53
CA VAL C 45 17.81 23.35 15.14
C VAL C 45 19.31 23.31 14.92
N ASP C 46 20.01 22.77 15.90
CA ASP C 46 21.47 22.68 16.00
C ASP C 46 21.77 21.32 16.62
N PRO C 47 22.60 20.49 15.98
CA PRO C 47 22.83 19.14 16.53
C PRO C 47 23.55 19.16 17.86
N GLN C 48 24.21 20.27 18.23
CA GLN C 48 24.79 20.38 19.57
C GLN C 48 23.71 20.38 20.66
N TYR C 49 22.53 20.94 20.37
CA TYR C 49 21.48 21.11 21.35
C TYR C 49 20.25 20.27 21.13
N HIS C 50 20.05 19.77 19.90
CA HIS C 50 18.78 19.22 19.46
C HIS C 50 18.99 17.86 18.81
N TYR C 51 18.03 16.96 19.05
CA TYR C 51 17.83 15.72 18.32
C TYR C 51 16.54 15.88 17.55
N VAL C 52 16.58 15.72 16.22
CA VAL C 52 15.41 16.05 15.41
C VAL C 52 14.61 14.78 15.21
N VAL C 53 13.32 14.83 15.53
CA VAL C 53 12.39 13.75 15.24
C VAL C 53 11.41 14.24 14.17
N ALA C 54 11.51 13.69 12.96
CA ALA C 54 10.46 13.91 11.96
C ALA C 54 9.34 12.95 12.27
N VAL C 55 8.10 13.45 12.31
CA VAL C 55 7.00 12.60 12.72
C VAL C 55 6.70 11.55 11.64
N THR C 56 6.54 12.00 10.39
CA THR C 56 6.18 11.16 9.26
C THR C 56 7.29 11.21 8.22
N ASP C 57 7.24 10.26 7.29
CA ASP C 57 8.19 10.28 6.19
C ASP C 57 8.08 11.59 5.41
N ASP C 58 6.86 12.09 5.24
CA ASP C 58 6.61 13.40 4.64
C ASP C 58 7.37 14.53 5.37
N ASP C 59 7.34 14.51 6.71
CA ASP C 59 8.06 15.53 7.46
C ASP C 59 9.56 15.38 7.30
N LEU C 60 10.04 14.14 7.20
CA LEU C 60 11.47 13.93 6.98
C LEU C 60 11.91 14.46 5.61
N THR C 61 11.10 14.26 4.57
CA THR C 61 11.38 14.88 3.27
C THR C 61 11.57 16.38 3.43
N ASP C 62 10.69 17.02 4.20
CA ASP C 62 10.81 18.46 4.42
C ASP C 62 12.08 18.79 5.23
N PHE C 63 12.36 18.04 6.27
CA PHE C 63 13.54 18.33 7.08
C PHE C 63 14.81 18.22 6.27
N LEU C 64 14.98 17.10 5.55
CA LEU C 64 16.19 16.91 4.75
C LEU C 64 16.27 17.88 3.58
N SER C 65 15.18 18.56 3.23
CA SER C 65 15.25 19.61 2.22
C SER C 65 15.75 20.93 2.80
N ASP C 66 15.81 21.02 4.12
CA ASP C 66 16.17 22.23 4.83
C ASP C 66 17.69 22.33 4.96
N GLU C 67 18.20 23.55 4.84
CA GLU C 67 19.65 23.75 4.97
C GLU C 67 20.15 23.32 6.34
N GLN C 68 19.31 23.44 7.36
CA GLN C 68 19.72 23.13 8.73
C GLN C 68 20.05 21.65 8.90
N SER C 69 19.46 20.78 8.09
CA SER C 69 19.66 19.35 8.28
C SER C 69 21.07 18.88 7.92
N LYS C 70 21.87 19.75 7.27
CA LYS C 70 23.17 19.36 6.75
C LYS C 70 24.07 18.78 7.84
N SER C 71 24.06 19.36 9.03
CA SER C 71 24.97 18.90 10.08
C SER C 71 24.39 17.75 10.90
N PHE C 72 23.23 17.21 10.52
CA PHE C 72 22.59 16.14 11.28
C PHE C 72 22.88 14.78 10.66
N GLN C 73 23.38 13.84 11.47
CA GLN C 73 23.62 12.47 11.01
C GLN C 73 22.44 11.57 11.38
N TYR C 74 22.07 10.68 10.44
CA TYR C 74 20.98 9.74 10.63
C TYR C 74 21.21 8.86 11.86
N ALA C 75 20.13 8.68 12.64
CA ALA C 75 20.08 7.90 13.88
C ALA C 75 20.81 8.63 15.02
N ASN C 76 22.06 9.05 14.80
CA ASN C 76 22.79 9.75 15.85
C ASN C 76 22.12 11.06 16.26
N ASP C 77 21.57 11.80 15.29
CA ASP C 77 21.04 13.15 15.51
C ASP C 77 19.60 13.33 15.03
N TYR C 78 19.07 12.42 14.21
CA TYR C 78 17.68 12.54 13.78
C TYR C 78 17.11 11.17 13.45
N LEU C 79 15.77 11.12 13.41
CA LEU C 79 15.03 9.90 13.13
C LEU C 79 13.63 10.27 12.68
N THR C 80 12.93 9.29 12.11
CA THR C 80 11.51 9.42 11.83
C THR C 80 10.74 8.57 12.81
N PHE C 81 9.71 9.15 13.43
CA PHE C 81 8.95 8.44 14.44
C PHE C 81 8.12 7.31 13.84
N ASP C 82 7.43 7.59 12.74
CA ASP C 82 6.58 6.60 12.08
C ASP C 82 7.43 5.81 11.09
N ASP C 83 8.37 5.03 11.64
CA ASP C 83 9.30 4.27 10.82
C ASP C 83 9.76 3.07 11.65
N GLU C 84 8.83 2.31 12.24
CA GLU C 84 9.23 1.29 13.20
C GLU C 84 10.11 0.22 12.58
N GLY C 85 10.04 0.01 11.27
CA GLY C 85 10.95 -0.94 10.65
C GLY C 85 12.23 -0.35 10.09
N GLY C 86 12.52 0.92 10.35
CA GLY C 86 13.73 1.54 9.79
C GLY C 86 15.03 0.94 10.29
N GLU C 87 16.06 0.99 9.44
CA GLU C 87 17.36 0.45 9.80
C GLU C 87 18.02 1.26 10.92
N LEU C 88 18.81 0.59 11.74
CA LEU C 88 19.55 1.25 12.83
C LEU C 88 20.93 0.63 12.87
N PRO C 89 21.91 1.36 13.43
CA PRO C 89 23.25 0.78 13.56
C PRO C 89 23.39 -0.21 14.69
N PHE C 90 22.36 -0.42 15.52
CA PHE C 90 22.47 -1.37 16.62
C PHE C 90 21.33 -2.38 16.57
N GLU C 91 21.57 -3.55 17.15
CA GLU C 91 20.51 -4.56 17.25
C GLU C 91 19.46 -4.10 18.23
N ARG C 92 18.20 -4.33 17.90
CA ARG C 92 17.11 -3.77 18.70
C ARG C 92 15.95 -4.77 18.73
N MET C 93 14.81 -4.29 19.23
CA MET C 93 13.60 -5.11 19.34
C MET C 93 12.47 -4.40 18.62
N CYS C 94 11.74 -5.13 17.79
CA CYS C 94 10.49 -4.63 17.23
C CYS C 94 9.39 -5.49 17.84
N PHE C 95 8.68 -4.94 18.83
CA PHE C 95 7.80 -5.73 19.70
C PHE C 95 8.70 -6.78 20.36
N ASN C 96 8.31 -8.05 20.42
CA ASN C 96 9.21 -9.05 21.00
C ASN C 96 10.14 -9.70 20.00
N VAL C 97 10.47 -9.02 18.90
CA VAL C 97 11.21 -9.65 17.81
C VAL C 97 12.61 -9.04 17.75
N PRO C 98 13.67 -9.81 17.95
CA PRO C 98 15.03 -9.28 17.71
C PRO C 98 15.25 -8.97 16.24
N VAL C 99 15.86 -7.80 16.00
CA VAL C 99 16.18 -7.34 14.65
C VAL C 99 17.65 -6.95 14.64
N GLY C 100 18.41 -7.49 13.67
CA GLY C 100 19.84 -7.20 13.59
C GLY C 100 20.14 -5.80 13.04
N ARG C 101 21.44 -5.54 12.86
CA ARG C 101 21.92 -4.22 12.44
C ARG C 101 21.62 -3.96 10.98
N GLN C 102 21.34 -2.70 10.65
CA GLN C 102 21.21 -2.24 9.27
C GLN C 102 20.19 -3.09 8.51
N THR C 103 19.11 -3.42 9.19
CA THR C 103 18.01 -4.23 8.66
C THR C 103 16.74 -3.40 8.65
N TYR C 104 16.05 -3.42 7.53
CA TYR C 104 14.87 -2.57 7.43
C TYR C 104 13.70 -3.32 6.82
N PHE C 105 12.50 -2.83 7.14
CA PHE C 105 11.27 -3.43 6.64
C PHE C 105 10.16 -2.40 6.82
N GLY C 106 8.99 -2.71 6.25
CA GLY C 106 7.87 -1.79 6.27
C GLY C 106 6.71 -2.29 7.13
N ASP C 107 5.55 -1.65 6.92
CA ASP C 107 4.43 -1.75 7.87
C ASP C 107 3.83 -3.14 7.96
N GLY C 108 3.78 -3.85 6.83
CA GLY C 108 3.28 -5.22 6.86
C GLY C 108 4.12 -6.10 7.76
N VAL C 109 5.44 -6.00 7.64
CA VAL C 109 6.31 -6.82 8.47
C VAL C 109 6.32 -6.33 9.91
N VAL C 110 6.15 -5.02 10.14
CA VAL C 110 5.98 -4.54 11.52
C VAL C 110 4.75 -5.20 12.14
N GLY C 111 3.64 -5.23 11.39
CA GLY C 111 2.45 -5.88 11.88
C GLY C 111 2.64 -7.36 12.15
N ALA C 112 3.40 -8.04 11.27
CA ALA C 112 3.69 -9.44 11.49
C ALA C 112 4.51 -9.66 12.77
N CYS C 113 5.44 -8.73 13.06
CA CYS C 113 6.12 -8.77 14.36
C CYS C 113 5.12 -8.64 15.49
N GLU C 114 4.20 -7.68 15.37
CA GLU C 114 3.20 -7.48 16.42
C GLU C 114 2.33 -8.72 16.62
N ASN C 115 1.97 -9.39 15.52
CA ASN C 115 1.11 -10.55 15.52
C ASN C 115 1.77 -11.83 16.03
N GLY C 116 3.09 -11.84 16.22
CA GLY C 116 3.78 -13.02 16.70
C GLY C 116 4.21 -13.99 15.62
N TYR C 117 4.15 -13.60 14.34
CA TYR C 117 4.47 -14.51 13.25
C TYR C 117 5.97 -14.64 13.01
N ILE C 118 6.80 -13.77 13.58
CA ILE C 118 8.22 -13.70 13.28
C ILE C 118 9.02 -13.95 14.56
N LYS C 119 10.00 -14.85 14.48
CA LYS C 119 10.84 -15.12 15.64
C LYS C 119 11.96 -14.09 15.73
N SER C 120 12.60 -13.79 14.60
CA SER C 120 13.69 -12.84 14.56
C SER C 120 13.98 -12.51 13.11
N ILE C 121 14.61 -11.36 12.89
CA ILE C 121 15.06 -10.91 11.57
C ILE C 121 16.55 -10.64 11.69
N GLY C 122 17.33 -11.13 10.74
CA GLY C 122 18.78 -11.13 10.91
C GLY C 122 19.45 -9.78 10.64
N GLN C 123 20.75 -9.82 10.38
CA GLN C 123 21.53 -8.62 10.16
C GLN C 123 21.61 -8.31 8.67
N PHE C 124 21.62 -7.01 8.34
CA PHE C 124 21.89 -6.56 6.97
C PHE C 124 20.86 -7.14 6.00
N THR C 125 19.61 -7.13 6.44
CA THR C 125 18.51 -7.70 5.68
C THR C 125 17.60 -6.58 5.19
N SER C 126 17.18 -6.68 3.94
CA SER C 126 16.57 -5.58 3.22
C SER C 126 15.21 -6.07 2.75
N ILE C 127 14.13 -5.52 3.31
CA ILE C 127 12.77 -5.99 3.03
C ILE C 127 11.99 -4.81 2.48
N ASN C 128 11.57 -4.93 1.22
CA ASN C 128 10.79 -3.88 0.58
C ASN C 128 9.56 -3.57 1.41
N GLY C 129 9.21 -2.28 1.45
CA GLY C 129 8.13 -1.86 2.32
C GLY C 129 6.78 -2.46 1.99
N THR C 130 6.57 -2.98 0.77
CA THR C 130 5.27 -3.55 0.46
C THR C 130 5.19 -5.06 0.64
N ALA C 131 6.24 -5.69 1.15
CA ALA C 131 6.18 -7.11 1.46
C ALA C 131 5.18 -7.38 2.57
N GLU C 132 4.54 -8.54 2.52
CA GLU C 132 3.49 -8.87 3.47
C GLU C 132 3.72 -10.26 4.03
N ILE C 133 3.39 -10.43 5.30
CA ILE C 133 3.49 -11.73 5.96
C ILE C 133 2.20 -11.93 6.76
N HIS C 134 1.43 -12.94 6.40
CA HIS C 134 0.18 -13.24 7.08
CA HIS C 134 0.21 -13.24 7.13
C HIS C 134 0.00 -14.75 7.16
N ALA C 135 -0.93 -15.16 8.02
CA ALA C 135 -1.24 -16.57 8.23
C ALA C 135 -2.53 -16.94 7.50
N ASN C 136 -2.80 -18.23 7.46
CA ASN C 136 -4.07 -18.77 6.94
C ASN C 136 -5.14 -18.79 8.03
N HIS C 137 -6.39 -18.59 7.63
CA HIS C 137 -7.52 -18.92 8.51
C HIS C 137 -7.69 -20.44 8.54
N GLN C 138 -8.52 -20.92 9.48
CA GLN C 138 -8.83 -22.35 9.50
C GLN C 138 -9.53 -22.77 8.21
N LEU C 139 -9.19 -23.96 7.72
CA LEU C 139 -9.79 -24.49 6.51
C LEU C 139 -10.58 -25.78 6.77
N ASN C 140 -10.77 -26.17 8.03
CA ASN C 140 -11.36 -27.46 8.36
C ASN C 140 -12.62 -27.33 9.21
N MET C 141 -13.25 -26.16 9.21
CA MET C 141 -14.52 -25.97 9.86
C MET C 141 -15.56 -25.58 8.83
N THR C 142 -16.79 -25.36 9.29
CA THR C 142 -17.87 -24.96 8.37
C THR C 142 -17.67 -23.53 7.87
N PHE C 143 -17.02 -22.71 8.67
CA PHE C 143 -16.76 -21.31 8.34
C PHE C 143 -15.27 -21.05 8.25
N VAL C 144 -14.91 -20.02 7.48
CA VAL C 144 -13.53 -19.59 7.34
C VAL C 144 -13.26 -18.27 8.06
N SER C 145 -14.30 -17.53 8.40
CA SER C 145 -14.21 -16.28 9.15
C SER C 145 -13.42 -16.42 10.45
N ASP C 146 -12.67 -15.36 10.78
CA ASP C 146 -12.18 -15.24 12.15
C ASP C 146 -13.09 -14.38 13.04
N ASP C 147 -13.59 -13.25 12.57
CA ASP C 147 -14.29 -12.33 13.47
C ASP C 147 -15.70 -12.80 13.86
N ILE C 148 -16.19 -13.90 13.31
CA ILE C 148 -17.35 -14.59 13.91
C ILE C 148 -17.10 -14.84 15.38
N GLN C 149 -15.83 -15.02 15.79
CA GLN C 149 -15.56 -15.32 17.20
C GLN C 149 -15.92 -14.15 18.11
N ASN C 150 -16.03 -12.94 17.56
CA ASN C 150 -16.49 -11.82 18.40
C ASN C 150 -17.90 -12.05 18.91
N PHE C 151 -18.63 -13.01 18.32
CA PHE C 151 -19.96 -13.40 18.75
C PHE C 151 -19.98 -14.66 19.61
N PHE C 152 -18.83 -15.32 19.83
CA PHE C 152 -18.76 -16.53 20.63
C PHE C 152 -18.77 -16.21 22.12
N ASN C 153 -19.63 -16.91 22.88
CA ASN C 153 -19.58 -16.82 24.32
C ASN C 153 -18.37 -17.62 24.82
N GLU C 154 -18.21 -17.70 26.14
CA GLU C 154 -17.06 -18.39 26.73
C GLU C 154 -16.98 -19.84 26.26
N GLU C 155 -18.11 -20.55 26.27
CA GLU C 155 -18.11 -21.97 25.91
C GLU C 155 -17.80 -22.17 24.42
N SER C 156 -18.44 -21.40 23.56
CA SER C 156 -18.17 -21.44 22.12
C SER C 156 -16.73 -21.12 21.80
N MET C 157 -16.18 -20.05 22.39
CA MET C 157 -14.78 -19.71 22.17
C MET C 157 -13.85 -20.87 22.53
N ALA C 158 -14.15 -21.56 23.63
CA ALA C 158 -13.27 -22.63 24.11
C ALA C 158 -13.18 -23.74 23.07
N VAL C 159 -14.32 -24.13 22.50
CA VAL C 159 -14.35 -25.19 21.50
C VAL C 159 -13.63 -24.77 20.24
N PHE C 160 -13.82 -23.52 19.80
CA PHE C 160 -13.15 -22.98 18.62
C PHE C 160 -11.64 -22.99 18.78
N GLN C 161 -11.15 -22.40 19.88
CA GLN C 161 -9.73 -22.33 20.14
C GLN C 161 -9.12 -23.71 20.31
N GLU C 162 -9.82 -24.64 20.98
CA GLU C 162 -9.30 -25.99 21.13
C GLU C 162 -9.04 -26.65 19.78
N LYS C 163 -9.99 -26.55 18.86
CA LYS C 163 -9.82 -27.13 17.53
C LYS C 163 -8.67 -26.47 16.76
N LEU C 164 -8.59 -25.13 16.83
CA LEU C 164 -7.50 -24.41 16.16
C LEU C 164 -6.14 -24.93 16.61
N ARG C 165 -5.99 -25.16 17.92
CA ARG C 165 -4.70 -25.58 18.45
C ARG C 165 -4.30 -26.98 18.01
N LYS C 166 -5.25 -27.81 17.60
CA LYS C 166 -4.99 -29.18 17.17
C LYS C 166 -4.82 -29.31 15.66
N ASP C 167 -5.04 -28.23 14.92
CA ASP C 167 -4.99 -28.23 13.46
C ASP C 167 -3.54 -28.31 12.96
N PRO C 168 -3.12 -29.40 12.31
CA PRO C 168 -1.75 -29.47 11.81
C PRO C 168 -1.44 -28.50 10.66
N LYS C 169 -2.44 -27.80 10.11
CA LYS C 169 -2.13 -26.78 9.11
C LYS C 169 -1.83 -25.41 9.71
N HIS C 170 -1.84 -25.27 11.04
CA HIS C 170 -1.41 -24.09 11.77
C HIS C 170 -2.18 -22.84 11.34
N PRO C 171 -3.50 -22.85 11.40
CA PRO C 171 -4.24 -21.60 11.19
C PRO C 171 -3.78 -20.55 12.18
N TYR C 172 -3.70 -19.29 11.70
CA TYR C 172 -3.26 -18.17 12.52
C TYR C 172 -1.87 -18.38 13.11
N ALA C 173 -1.08 -19.25 12.47
CA ALA C 173 0.25 -19.66 12.97
C ALA C 173 0.17 -20.41 14.30
N TYR C 174 -0.96 -21.03 14.63
CA TYR C 174 -0.96 -21.80 15.87
C TYR C 174 -0.06 -23.03 15.75
N SER C 175 0.40 -23.51 16.91
CA SER C 175 1.16 -24.76 17.08
C SER C 175 2.36 -24.87 16.13
N LYS C 176 2.98 -23.74 15.78
CA LYS C 176 4.20 -23.79 14.97
C LYS C 176 5.16 -22.75 15.52
N GLU C 177 6.43 -22.91 15.15
CA GLU C 177 7.42 -21.93 15.53
C GLU C 177 7.21 -20.65 14.72
N PRO C 178 7.34 -19.48 15.33
CA PRO C 178 7.36 -18.26 14.51
C PRO C 178 8.54 -18.36 13.56
N MET C 179 8.41 -17.70 12.43
CA MET C 179 9.40 -17.70 11.37
C MET C 179 10.68 -16.92 11.68
N THR C 180 11.82 -17.53 11.35
CA THR C 180 13.11 -16.85 11.42
C THR C 180 13.44 -16.32 10.02
N ILE C 181 13.76 -15.03 9.92
CA ILE C 181 14.22 -14.42 8.68
C ILE C 181 15.72 -14.17 8.84
N GLY C 182 16.52 -14.73 7.94
CA GLY C 182 17.96 -14.74 8.13
C GLY C 182 18.63 -13.39 7.90
N SER C 183 19.95 -13.44 7.82
CA SER C 183 20.78 -12.26 7.58
C SER C 183 21.13 -12.19 6.09
N ASP C 184 21.47 -10.99 5.63
CA ASP C 184 21.82 -10.77 4.22
C ASP C 184 20.74 -11.27 3.30
N VAL C 185 19.50 -11.12 3.73
CA VAL C 185 18.31 -11.51 2.98
C VAL C 185 17.79 -10.31 2.20
N TYR C 186 17.25 -10.54 1.00
CA TYR C 186 16.57 -9.49 0.25
C TYR C 186 15.17 -9.96 -0.09
N ILE C 187 14.15 -9.15 0.21
CA ILE C 187 12.76 -9.46 -0.12
C ILE C 187 12.18 -8.31 -0.94
N GLY C 188 11.62 -8.64 -2.11
CA GLY C 188 11.22 -7.65 -3.09
C GLY C 188 9.83 -7.10 -2.86
N ALA C 189 9.46 -6.15 -3.72
CA ALA C 189 8.13 -5.51 -3.64
C ALA C 189 7.02 -6.53 -3.84
N HIS C 190 5.93 -6.33 -3.08
CA HIS C 190 4.68 -7.10 -3.18
C HIS C 190 4.90 -8.57 -2.94
N ALA C 191 5.99 -8.94 -2.29
CA ALA C 191 6.20 -10.34 -1.97
C ALA C 191 5.31 -10.72 -0.79
N PHE C 192 4.96 -12.00 -0.72
CA PHE C 192 4.14 -12.51 0.37
C PHE C 192 4.77 -13.77 0.94
N ILE C 193 4.83 -13.88 2.26
CA ILE C 193 5.29 -15.11 2.89
C ILE C 193 4.20 -15.62 3.81
N ASN C 194 3.86 -16.91 3.68
CA ASN C 194 2.74 -17.47 4.43
C ASN C 194 3.21 -17.92 5.80
N ALA C 195 2.71 -17.26 6.83
CA ALA C 195 3.13 -17.55 8.19
C ALA C 195 2.55 -18.87 8.71
N SER C 196 1.52 -19.44 8.08
CA SER C 196 1.08 -20.77 8.54
C SER C 196 2.03 -21.88 8.12
N THR C 197 2.75 -21.70 7.01
CA THR C 197 3.49 -22.80 6.41
C THR C 197 4.99 -22.54 6.28
N VAL C 198 5.49 -21.36 6.65
CA VAL C 198 6.91 -21.04 6.54
C VAL C 198 7.46 -20.83 7.94
N THR C 199 8.52 -21.56 8.27
CA THR C 199 9.25 -21.28 9.51
C THR C 199 10.64 -20.70 9.28
N SER C 200 11.13 -20.67 8.03
CA SER C 200 12.52 -20.25 7.82
C SER C 200 12.68 -19.61 6.45
N ILE C 201 13.15 -18.37 6.45
CA ILE C 201 13.76 -17.71 5.30
C ILE C 201 15.25 -17.74 5.60
N GLY C 202 15.99 -18.65 4.93
CA GLY C 202 17.38 -18.86 5.27
C GLY C 202 18.27 -17.66 4.97
N ASP C 203 19.44 -17.66 5.61
CA ASP C 203 20.44 -16.61 5.39
C ASP C 203 20.75 -16.48 3.90
N GLY C 204 20.89 -15.23 3.44
CA GLY C 204 21.25 -14.97 2.06
C GLY C 204 20.14 -15.18 1.05
N ALA C 205 18.98 -15.65 1.47
CA ALA C 205 17.92 -15.91 0.51
C ALA C 205 17.49 -14.61 -0.17
N ILE C 206 17.11 -14.73 -1.44
CA ILE C 206 16.54 -13.63 -2.19
C ILE C 206 15.12 -14.02 -2.59
N ILE C 207 14.14 -13.19 -2.24
CA ILE C 207 12.75 -13.39 -2.60
C ILE C 207 12.38 -12.33 -3.64
N GLY C 208 11.98 -12.79 -4.83
CA GLY C 208 11.74 -11.87 -5.93
C GLY C 208 10.49 -11.03 -5.74
N SER C 209 10.44 -9.88 -6.42
CA SER C 209 9.21 -9.08 -6.42
C SER C 209 8.04 -9.94 -6.84
N GLY C 210 6.93 -9.82 -6.10
CA GLY C 210 5.71 -10.52 -6.44
C GLY C 210 5.71 -11.99 -6.11
N ALA C 211 6.73 -12.51 -5.43
CA ALA C 211 6.76 -13.93 -5.11
C ALA C 211 5.78 -14.26 -4.00
N VAL C 212 5.16 -15.44 -4.11
CA VAL C 212 4.26 -15.95 -3.08
C VAL C 212 4.92 -17.17 -2.46
N VAL C 213 5.51 -16.97 -1.30
CA VAL C 213 6.36 -17.98 -0.67
C VAL C 213 5.50 -18.80 0.27
N LEU C 214 5.34 -20.10 -0.03
CA LEU C 214 4.49 -21.01 0.73
C LEU C 214 5.28 -22.04 1.54
N GLU C 215 6.59 -22.15 1.34
CA GLU C 215 7.39 -23.06 2.16
C GLU C 215 8.76 -22.43 2.40
N ASN C 216 9.54 -23.10 3.24
CA ASN C 216 10.83 -22.53 3.65
C ASN C 216 11.73 -22.30 2.45
N VAL C 217 12.53 -21.25 2.55
CA VAL C 217 13.48 -20.88 1.51
C VAL C 217 14.88 -21.26 2.01
N PRO C 218 15.58 -22.16 1.34
CA PRO C 218 16.92 -22.57 1.80
C PRO C 218 17.88 -21.39 1.78
N PRO C 219 18.94 -21.43 2.59
CA PRO C 219 19.91 -20.34 2.56
C PRO C 219 20.46 -20.11 1.15
N PHE C 220 20.52 -18.83 0.77
CA PHE C 220 21.10 -18.33 -0.48
C PHE C 220 20.36 -18.81 -1.73
N ALA C 221 19.17 -19.36 -1.56
CA ALA C 221 18.28 -19.62 -2.68
C ALA C 221 17.65 -18.33 -3.16
N VAL C 222 17.37 -18.28 -4.47
CA VAL C 222 16.68 -17.16 -5.09
C VAL C 222 15.33 -17.70 -5.56
N VAL C 223 14.24 -17.22 -4.99
CA VAL C 223 12.91 -17.76 -5.31
C VAL C 223 12.05 -16.70 -5.96
N VAL C 224 11.31 -17.11 -7.00
CA VAL C 224 10.45 -16.23 -7.77
C VAL C 224 9.19 -16.98 -8.16
N GLY C 225 8.12 -16.24 -8.37
CA GLY C 225 6.90 -16.77 -8.97
C GLY C 225 5.78 -16.95 -7.97
N VAL C 226 4.61 -17.28 -8.51
CA VAL C 226 3.41 -17.54 -7.74
C VAL C 226 2.93 -18.94 -8.06
N PRO C 227 3.19 -19.93 -7.19
CA PRO C 227 3.91 -19.88 -5.91
C PRO C 227 5.41 -19.85 -6.17
N ALA C 228 6.17 -19.38 -5.19
CA ALA C 228 7.61 -19.24 -5.36
C ALA C 228 8.26 -20.59 -5.57
N ARG C 229 9.22 -20.62 -6.50
CA ARG C 229 10.06 -21.77 -6.80
C ARG C 229 11.53 -21.32 -6.85
N ILE C 230 12.44 -22.23 -6.49
CA ILE C 230 13.85 -21.89 -6.48
C ILE C 230 14.36 -21.77 -7.92
N LYS C 231 14.81 -20.58 -8.29
CA LYS C 231 15.31 -20.30 -9.62
C LYS C 231 16.80 -20.62 -9.76
N ARG C 232 17.58 -20.29 -8.75
CA ARG C 232 19.01 -20.53 -8.69
C ARG C 232 19.44 -20.35 -7.24
N TYR C 233 20.72 -20.63 -7.00
CA TYR C 233 21.37 -20.28 -5.74
C TYR C 233 22.41 -19.21 -6.01
N ARG C 234 22.62 -18.33 -5.03
CA ARG C 234 23.60 -17.26 -5.19
C ARG C 234 25.02 -17.78 -5.29
N PHE C 235 25.34 -18.87 -4.60
CA PHE C 235 26.70 -19.39 -4.58
C PHE C 235 26.66 -20.91 -4.64
N SER C 236 27.84 -21.50 -4.79
CA SER C 236 28.00 -22.94 -4.77
C SER C 236 27.73 -23.49 -3.38
N LYS C 237 27.48 -24.80 -3.31
CA LYS C 237 27.24 -25.45 -2.03
C LYS C 237 28.43 -25.28 -1.08
N GLU C 238 29.67 -25.36 -1.61
CA GLU C 238 30.86 -25.19 -0.77
C GLU C 238 30.93 -23.78 -0.20
N MET C 239 30.56 -22.78 -0.99
CA MET C 239 30.57 -21.42 -0.48
C MET C 239 29.39 -21.14 0.45
N ILE C 240 28.24 -21.78 0.23
CA ILE C 240 27.14 -21.63 1.17
C ILE C 240 27.54 -22.18 2.54
N GLU C 241 28.09 -23.39 2.58
CA GLU C 241 28.53 -23.93 3.87
C GLU C 241 29.56 -23.01 4.52
N THR C 242 30.48 -22.46 3.74
CA THR C 242 31.47 -21.53 4.27
C THR C 242 30.80 -20.28 4.86
N LEU C 243 29.84 -19.71 4.14
CA LEU C 243 29.14 -18.53 4.66
C LEU C 243 28.42 -18.83 5.95
N LEU C 244 27.79 -20.00 6.05
CA LEU C 244 27.03 -20.33 7.26
C LEU C 244 27.94 -20.58 8.46
N ARG C 245 29.22 -20.88 8.23
CA ARG C 245 30.15 -21.02 9.34
C ARG C 245 30.80 -19.69 9.73
N VAL C 246 31.16 -18.87 8.75
CA VAL C 246 31.86 -17.62 9.01
C VAL C 246 30.93 -16.60 9.65
N LYS C 247 29.69 -16.53 9.18
CA LYS C 247 28.70 -15.56 9.68
C LYS C 247 29.28 -14.14 9.72
N TRP C 248 29.67 -13.65 8.54
CA TRP C 248 30.21 -12.30 8.45
C TRP C 248 29.20 -11.27 8.97
N TRP C 249 27.91 -11.58 8.87
CA TRP C 249 26.87 -10.64 9.30
C TRP C 249 26.90 -10.36 10.80
N ASP C 250 27.62 -11.16 11.57
CA ASP C 250 27.84 -10.89 12.98
C ASP C 250 29.18 -10.23 13.26
N TRP C 251 29.94 -9.86 12.22
CA TRP C 251 31.24 -9.22 12.44
C TRP C 251 31.07 -7.84 13.06
N SER C 252 32.11 -7.41 13.79
CA SER C 252 32.14 -6.03 14.25
C SER C 252 32.36 -5.07 13.08
N ILE C 253 32.09 -3.79 13.35
CA ILE C 253 32.38 -2.76 12.36
C ILE C 253 33.85 -2.81 11.93
N GLU C 254 34.74 -2.97 12.90
CA GLU C 254 36.17 -3.05 12.57
C GLU C 254 36.45 -4.18 11.60
N GLU C 255 35.86 -5.36 11.86
CA GLU C 255 36.11 -6.52 11.01
C GLU C 255 35.50 -6.34 9.62
N ILE C 256 34.29 -5.79 9.54
CA ILE C 256 33.69 -5.52 8.23
C ILE C 256 34.62 -4.67 7.37
N ASN C 257 35.18 -3.59 7.94
CA ASN C 257 36.09 -2.75 7.18
C ASN C 257 37.43 -3.45 6.93
N GLU C 258 37.91 -4.20 7.92
CA GLU C 258 39.12 -5.02 7.79
C GLU C 258 39.06 -5.91 6.55
N ASN C 259 37.87 -6.46 6.26
CA ASN C 259 37.69 -7.50 5.26
C ASN C 259 36.76 -7.06 4.13
N VAL C 260 36.75 -5.75 3.84
CA VAL C 260 35.85 -5.28 2.79
C VAL C 260 36.16 -5.94 1.45
N ASP C 261 37.42 -6.32 1.24
CA ASP C 261 37.75 -6.92 -0.06
C ASP C 261 37.10 -8.27 -0.24
N ALA C 262 37.03 -9.08 0.82
CA ALA C 262 36.36 -10.38 0.74
C ALA C 262 34.86 -10.23 0.65
N LEU C 263 34.29 -9.23 1.33
CA LEU C 263 32.87 -8.96 1.20
C LEU C 263 32.51 -8.55 -0.21
N ILE C 264 33.40 -7.81 -0.87
CA ILE C 264 33.11 -7.36 -2.22
C ILE C 264 33.32 -8.45 -3.27
N SER C 265 34.31 -9.32 -3.09
CA SER C 265 34.62 -10.34 -4.09
C SER C 265 34.37 -11.73 -3.53
N PRO C 266 33.33 -12.44 -4.01
CA PRO C 266 33.12 -13.83 -3.55
C PRO C 266 34.31 -14.75 -3.75
N GLU C 267 35.04 -14.59 -4.86
CA GLU C 267 36.22 -15.41 -5.06
C GLU C 267 37.23 -15.20 -3.95
N LEU C 268 37.49 -13.93 -3.60
CA LEU C 268 38.41 -13.63 -2.50
C LEU C 268 37.86 -14.17 -1.17
N PHE C 269 36.54 -14.06 -0.95
CA PHE C 269 35.96 -14.62 0.26
C PHE C 269 36.25 -16.12 0.38
N MET C 270 36.14 -16.85 -0.73
CA MET C 270 36.38 -18.30 -0.73
C MET C 270 37.85 -18.62 -0.48
N LYS C 271 38.76 -17.85 -1.09
CA LYS C 271 40.19 -18.04 -0.87
C LYS C 271 40.54 -17.83 0.60
N LYS C 272 39.88 -16.88 1.27
CA LYS C 272 40.23 -16.51 2.63
C LYS C 272 39.62 -17.46 3.65
N TYR C 273 38.38 -17.89 3.46
CA TYR C 273 37.65 -18.59 4.50
C TYR C 273 37.16 -19.97 4.08
N GLY C 274 37.21 -20.31 2.80
CA GLY C 274 36.72 -21.60 2.37
C GLY C 274 37.57 -22.77 2.81
N SER C 275 38.74 -22.50 3.41
CA SER C 275 39.73 -23.50 3.85
C SER C 275 40.24 -24.33 2.69
C11 LLL D . -6.29 -10.42 10.36
O11 LLL D . -7.59 -10.07 10.77
C21 LLL D . -6.39 -11.89 9.88
N21 LLL D . -7.36 -11.97 8.75
C31 LLL D . -6.74 -12.86 11.03
C41 LLL D . -5.68 -12.70 12.16
C51 LLL D . -5.70 -11.24 12.64
O51 LLL D . -5.39 -10.33 11.49
C61 LLL D . -4.71 -11.03 13.79
N61 LLL D . -4.82 -9.65 14.28
C12 LLL D . -9.44 -6.15 11.31
N12 LLL D . -9.95 -4.88 11.91
C22 LLL D . -9.85 -7.40 12.12
C32 LLL D . -9.39 -8.71 11.50
N32 LLL D . -9.73 -9.78 12.50
C42 LLL D . -7.88 -8.74 11.37
C52 LLL D . -7.56 -7.46 10.52
O52 LLL D . -6.17 -7.44 10.18
C62 LLL D . -7.90 -6.14 11.25
O62 LLL D . -7.63 -4.94 10.50
C13 LLL D . -6.22 -4.44 10.68
C23 LLL D . -6.28 -2.94 10.73
O23 LLL D . -7.12 -2.63 11.85
C33 LLL D . -6.87 -2.33 9.47
N33 LLL D . -6.86 -0.88 9.78
C43 LLL D . -5.87 -2.73 8.35
O43 LLL D . -4.56 -2.20 8.63
C53 LLL D . -5.80 -4.24 8.31
O53 LLL D . -5.34 -4.80 9.59
C83 LLL D . -6.35 -2.37 6.93
C93 LLL D . -7.52 0.06 8.85
C1 EDO E . -13.87 7.29 -17.48
O1 EDO E . -13.85 7.72 -16.12
C2 EDO E . -15.32 7.27 -17.96
O2 EDO E . -15.82 8.60 -17.97
MG MG F . -33.74 -16.48 11.08
C11 LLL G . -8.60 5.58 -11.81
O11 LLL G . -8.24 6.87 -12.35
C21 LLL G . -8.71 4.67 -13.05
N21 LLL G . -7.41 4.65 -13.76
C31 LLL G . -9.92 5.01 -13.95
C41 LLL G . -11.21 5.01 -13.12
C51 LLL G . -11.05 6.09 -12.00
O51 LLL G . -9.90 5.70 -11.19
C61 LLL G . -12.31 6.25 -11.10
N61 LLL G . -12.01 7.31 -10.12
C12 LLL G . -6.48 10.25 -10.36
N12 LLL G . -6.40 11.58 -9.66
C22 LLL G . -7.38 10.38 -11.60
C32 LLL G . -7.54 9.09 -12.40
N32 LLL G . -8.57 9.32 -13.42
C42 LLL G . -8.13 8.02 -11.48
C52 LLL G . -7.14 7.88 -10.28
O52 LLL G . -7.54 6.82 -9.38
C62 LLL G . -7.11 9.19 -9.43
O62 LLL G . -6.22 9.16 -8.30
C13 LLL G . -6.81 8.68 -7.02
C23 LLL G . -6.12 9.44 -5.89
O23 LLL G . -6.38 10.81 -6.15
C33 LLL G . -4.62 9.25 -5.85
N33 LLL G . -4.25 10.08 -4.66
C43 LLL G . -4.45 7.75 -5.57
O43 LLL G . -5.12 7.46 -4.35
C53 LLL G . -5.11 6.98 -6.70
O53 LLL G . -6.54 7.30 -6.77
C83 LLL G . -3.00 7.26 -5.53
C93 LLL G . -2.81 10.37 -4.42
C1 EDO H . -3.04 17.42 -36.37
O1 EDO H . -3.89 18.57 -36.47
C2 EDO H . -3.32 16.52 -37.57
O2 EDO H . -4.72 16.23 -37.62
C11 LLL I . 15.87 1.16 -0.88
O11 LLL I . 16.52 1.07 0.41
C21 LLL I . 16.58 0.09 -1.78
N21 LLL I . 16.41 -1.22 -1.13
C31 LLL I . 18.06 0.42 -2.04
C41 LLL I . 18.12 1.79 -2.72
C51 LLL I . 17.50 2.80 -1.75
O51 LLL I . 16.10 2.44 -1.47
C61 LLL I . 17.58 4.25 -2.30
N61 LLL I . 17.11 5.15 -1.23
C12 LLL I . 15.13 2.53 4.26
N12 LLL I . 14.94 3.44 5.42
C22 LLL I . 16.61 2.44 3.87
C32 LLL I . 16.91 1.54 2.70
N32 LLL I . 18.35 1.59 2.34
C42 LLL I . 16.14 2.03 1.48
C52 LLL I . 14.64 2.02 1.91
O52 LLL I . 13.81 2.39 0.79
C62 LLL I . 14.35 3.06 3.05
O62 LLL I . 12.99 3.11 3.50
C13 LLL I . 12.15 4.00 2.74
C23 LLL I . 11.09 4.52 3.68
O23 LLL I . 11.80 5.20 4.71
C33 LLL I . 10.24 3.45 4.32
N33 LLL I . 9.34 4.24 5.18
C43 LLL I . 9.52 2.79 3.14
O43 LLL I . 8.73 3.82 2.52
C53 LLL I . 10.58 2.25 2.19
O53 LLL I . 11.44 3.29 1.69
C83 LLL I . 8.68 1.56 3.53
C93 LLL I . 8.45 3.53 6.14
MG MG J . -8.61 26.42 -36.10
C1 EDO K . -0.96 -21.70 -4.35
O1 EDO K . -1.71 -21.60 -3.12
C2 EDO K . -0.87 -20.41 -5.17
O2 EDO K . -0.81 -19.18 -4.40
CL CL L . 8.69 9.31 0.34
C1 EDO M . -15.81 -16.79 35.47
O1 EDO M . -15.77 -18.18 35.83
C2 EDO M . -14.75 -16.55 34.42
O2 EDO M . -13.50 -17.05 34.91
#